data_4W50
#
_entry.id   4W50
#
_cell.length_a   36.270
_cell.length_b   127.690
_cell.length_c   84.569
_cell.angle_alpha   90.000
_cell.angle_beta   90.000
_cell.angle_gamma   90.000
#
_symmetry.space_group_name_H-M   'P 1 21 1'
#
loop_
_entity.id
_entity.type
_entity.pdbx_description
1 polymer 'Ephrin type-A receptor 4'
2 polymer 'APY peptide'
3 non-polymer 1,3-BUTANEDIOL
4 non-polymer GLYCEROL
5 water water
#
loop_
_entity_poly.entity_id
_entity_poly.type
_entity_poly.pdbx_seq_one_letter_code
_entity_poly.pdbx_strand_id
1 'polypeptide(L)'
;GPGNEVTLLDSRSVQGELGWIASPLEGGWEEVSIMDEKNTPIRTYQVCNVMEPSQNNWLRTDWITREGAQRVYIEIKFTL
RDCNSLPGVMGTCKETFNLYYYESDNDKERFIRENQFVKIDTIAADESFTQVDIGDRIMKLNTEIRDVGPLSKKGFYLAF
QDVGACIALVSVRVFYKKA
;
A,B,C,D
2 'polypeptide(L)' APYCVYRGSWSC E,F,G,H
#
# COMPACT_ATOMS: atom_id res chain seq x y z
N GLY A 3 -2.53 21.27 0.29
CA GLY A 3 -3.30 20.91 -0.93
C GLY A 3 -3.78 19.46 -0.94
N ASN A 4 -2.83 18.55 -1.07
CA ASN A 4 -3.09 17.11 -0.92
C ASN A 4 -1.99 16.37 -0.16
N GLU A 5 -1.08 17.14 0.44
CA GLU A 5 -0.04 16.59 1.30
C GLU A 5 -0.56 16.63 2.71
N VAL A 6 -0.18 15.65 3.52
CA VAL A 6 -0.75 15.50 4.84
C VAL A 6 0.35 15.00 5.75
N THR A 7 0.80 15.87 6.63
CA THR A 7 1.94 15.60 7.46
C THR A 7 1.63 14.58 8.51
N LEU A 8 2.44 13.53 8.57
CA LEU A 8 2.46 12.62 9.73
C LEU A 8 3.57 13.02 10.75
N LEU A 9 4.64 13.64 10.30
CA LEU A 9 5.67 14.19 11.22
C LEU A 9 6.33 15.43 10.67
N ASP A 10 6.45 16.46 11.47
CA ASP A 10 7.25 17.61 11.13
C ASP A 10 8.05 18.07 12.34
N SER A 11 9.30 17.66 12.41
CA SER A 11 10.18 18.10 13.49
C SER A 11 10.05 19.60 13.75
N ARG A 12 9.95 20.43 12.70
CA ARG A 12 9.83 21.90 12.84
C ARG A 12 8.70 22.43 13.74
N SER A 13 7.56 21.74 13.82
CA SER A 13 6.39 22.28 14.52
C SER A 13 6.12 21.57 15.88
N VAL A 14 7.14 20.85 16.34
CA VAL A 14 7.07 20.05 17.53
C VAL A 14 7.29 20.97 18.71
N GLN A 15 6.63 20.66 19.83
CA GLN A 15 6.62 21.49 21.02
C GLN A 15 7.57 20.93 22.09
N GLY A 16 8.54 21.74 22.50
CA GLY A 16 9.63 21.25 23.33
C GLY A 16 10.58 20.33 22.57
N GLU A 17 11.48 19.71 23.31
CA GLU A 17 12.52 18.85 22.76
C GLU A 17 11.94 17.66 22.02
N LEU A 18 12.65 17.20 20.98
CA LEU A 18 12.25 15.99 20.25
C LEU A 18 12.40 14.74 21.15
N GLY A 19 13.52 14.59 21.85
CA GLY A 19 13.69 13.44 22.73
C GLY A 19 13.76 12.11 21.99
N TRP A 20 14.10 12.13 20.71
CA TRP A 20 14.22 10.92 19.92
C TRP A 20 15.27 10.01 20.56
N ILE A 21 15.28 8.75 20.19
CA ILE A 21 16.20 7.79 20.80
C ILE A 21 17.47 7.74 20.00
N ALA A 22 18.59 7.90 20.69
CA ALA A 22 19.92 7.88 20.10
C ALA A 22 20.66 6.73 20.71
N SER A 23 21.48 6.07 19.90
CA SER A 23 22.36 5.04 20.42
C SER A 23 23.68 5.07 19.70
N PRO A 24 24.76 5.50 20.37
CA PRO A 24 24.87 5.81 21.79
C PRO A 24 23.99 6.98 22.22
N LEU A 25 23.74 7.02 23.53
CA LEU A 25 22.91 8.03 24.18
C LEU A 25 23.65 9.34 24.33
N GLU A 26 24.96 9.29 24.54
CA GLU A 26 25.81 10.48 24.57
C GLU A 26 27.00 10.26 23.64
N GLY A 27 27.51 11.36 23.08
CA GLY A 27 28.69 11.27 22.27
C GLY A 27 28.35 11.04 20.82
N GLY A 28 27.17 10.47 20.55
CA GLY A 28 26.67 10.29 19.19
C GLY A 28 25.84 11.47 18.78
N TRP A 29 24.63 11.18 18.26
CA TRP A 29 23.65 12.18 17.86
C TRP A 29 23.13 12.96 19.05
N GLU A 30 23.01 14.27 18.91
CA GLU A 30 22.61 15.16 20.02
C GLU A 30 21.70 16.30 19.55
N GLU A 31 20.72 16.67 20.39
CA GLU A 31 19.83 17.79 20.11
C GLU A 31 20.57 19.11 20.15
N VAL A 32 20.32 19.97 19.14
CA VAL A 32 20.91 21.31 19.07
C VAL A 32 19.82 22.25 18.57
N SER A 33 19.51 23.26 19.36
CA SER A 33 18.61 24.35 18.98
C SER A 33 19.28 25.48 18.19
N ILE A 34 18.84 25.70 16.97
CA ILE A 34 19.16 26.92 16.23
C ILE A 34 18.08 27.94 16.57
N MET A 35 18.49 29.12 17.04
CA MET A 35 17.56 30.16 17.40
C MET A 35 17.25 31.08 16.22
N ASP A 36 15.96 31.13 15.86
CA ASP A 36 15.52 31.98 14.75
C ASP A 36 15.31 33.45 15.16
N GLU A 37 14.76 34.27 14.26
CA GLU A 37 14.65 35.71 14.51
C GLU A 37 13.76 36.06 15.74
N LYS A 38 12.65 35.37 15.93
CA LYS A 38 11.82 35.62 17.13
C LYS A 38 12.27 34.79 18.37
N ASN A 39 13.45 34.21 18.28
CA ASN A 39 14.10 33.57 19.41
C ASN A 39 13.42 32.28 19.83
N THR A 40 13.07 31.51 18.82
CA THR A 40 12.35 30.29 18.93
C THR A 40 13.18 29.20 18.30
N PRO A 41 13.42 28.11 19.04
CA PRO A 41 14.31 27.04 18.63
C PRO A 41 13.83 26.21 17.47
N ILE A 42 14.77 25.85 16.61
CA ILE A 42 14.58 24.88 15.56
C ILE A 42 15.36 23.70 16.08
N ARG A 43 14.72 22.54 16.16
CA ARG A 43 15.29 21.45 16.88
C ARG A 43 15.98 20.55 15.89
N THR A 44 17.31 20.46 16.00
CA THR A 44 18.14 19.70 15.08
C THR A 44 18.80 18.51 15.79
N TYR A 45 19.31 17.58 15.00
CA TYR A 45 20.19 16.55 15.50
C TYR A 45 21.49 16.59 14.73
N GLN A 46 22.61 16.50 15.45
CA GLN A 46 23.94 16.61 14.79
C GLN A 46 24.95 15.68 15.42
N VAL A 47 25.91 15.28 14.61
CA VAL A 47 27.04 14.52 15.07
C VAL A 47 28.21 14.80 14.15
N CYS A 48 29.39 14.93 14.77
CA CYS A 48 30.62 15.35 14.10
C CYS A 48 31.84 14.76 14.80
N ASN A 49 31.81 13.45 14.99
CA ASN A 49 32.97 12.71 15.45
C ASN A 49 33.76 12.25 14.22
N VAL A 50 34.33 13.19 13.48
CA VAL A 50 35.06 12.86 12.24
C VAL A 50 36.51 12.42 12.53
N MET A 51 37.03 12.79 13.69
CA MET A 51 38.36 12.39 14.10
C MET A 51 38.42 10.95 14.63
N GLU A 52 37.32 10.39 15.15
CA GLU A 52 37.33 9.01 15.68
C GLU A 52 36.86 7.95 14.70
N PRO A 53 37.57 6.80 14.66
CA PRO A 53 37.27 5.79 13.67
C PRO A 53 36.00 5.01 14.01
N SER A 54 35.56 4.17 13.07
CA SER A 54 34.36 3.34 13.23
C SER A 54 33.28 4.01 14.07
N GLN A 55 32.70 5.06 13.53
CA GLN A 55 31.46 5.57 14.10
C GLN A 55 30.29 4.72 13.61
N ASN A 56 29.31 4.56 14.47
CA ASN A 56 28.11 3.83 14.14
C ASN A 56 27.01 4.34 15.07
N ASN A 57 26.51 5.54 14.77
CA ASN A 57 25.61 6.26 15.65
C ASN A 57 24.20 6.19 15.09
N TRP A 58 23.27 5.76 15.93
CA TRP A 58 21.92 5.68 15.45
C TRP A 58 21.04 6.69 16.15
N LEU A 59 20.03 7.15 15.43
CA LEU A 59 19.01 8.03 15.95
C LEU A 59 17.71 7.51 15.36
N ARG A 60 16.69 7.36 16.20
CA ARG A 60 15.35 6.96 15.73
C ARG A 60 14.26 7.90 16.21
N THR A 61 13.34 8.20 15.29
CA THR A 61 12.11 8.96 15.60
C THR A 61 11.18 8.22 16.56
N ASP A 62 10.22 8.94 17.14
CA ASP A 62 9.10 8.26 17.79
C ASP A 62 8.29 7.51 16.74
N TRP A 63 7.46 6.58 17.21
CA TRP A 63 6.55 5.84 16.35
C TRP A 63 5.70 6.83 15.57
N ILE A 64 5.67 6.63 14.26
CA ILE A 64 4.87 7.46 13.35
C ILE A 64 3.80 6.57 12.69
N THR A 65 2.53 6.95 12.86
CA THR A 65 1.38 6.29 12.19
C THR A 65 1.39 6.54 10.70
N ARG A 66 0.95 5.58 9.91
CA ARG A 66 0.77 5.87 8.48
C ARG A 66 -0.69 6.21 8.09
N GLU A 67 -1.56 6.45 9.06
CA GLU A 67 -2.99 6.57 8.79
C GLU A 67 -3.38 5.57 7.69
N GLY A 68 -3.99 6.01 6.60
CA GLY A 68 -4.46 5.05 5.59
C GLY A 68 -3.40 4.67 4.57
N ALA A 69 -2.28 5.36 4.62
CA ALA A 69 -1.41 5.54 3.48
C ALA A 69 -0.55 4.32 3.32
N GLN A 70 -0.47 3.80 2.09
CA GLN A 70 0.53 2.74 1.77
C GLN A 70 1.93 3.29 1.40
N ARG A 71 2.01 4.55 0.97
CA ARG A 71 3.25 5.14 0.48
C ARG A 71 3.43 6.45 1.20
N VAL A 72 4.59 6.66 1.82
CA VAL A 72 4.90 7.94 2.52
C VAL A 72 6.18 8.55 2.01
N TYR A 73 6.28 9.87 2.15
CA TYR A 73 7.33 10.64 1.56
C TYR A 73 8.07 11.25 2.72
N ILE A 74 9.40 11.08 2.72
CA ILE A 74 10.28 11.62 3.77
C ILE A 74 11.18 12.70 3.18
N GLU A 75 11.06 13.90 3.71
CA GLU A 75 11.80 15.03 3.19
C GLU A 75 12.81 15.53 4.22
N ILE A 76 14.09 15.34 3.94
CA ILE A 76 15.11 15.72 4.93
C ILE A 76 15.84 16.98 4.46
N LYS A 77 15.90 17.93 5.37
CA LYS A 77 16.68 19.14 5.18
C LYS A 77 17.92 19.13 6.01
N PHE A 78 19.05 18.86 5.38
CA PHE A 78 20.29 18.70 6.13
C PHE A 78 21.40 19.62 5.67
N THR A 79 22.46 19.67 6.47
CA THR A 79 23.72 20.29 6.05
C THR A 79 24.88 19.44 6.53
N LEU A 80 25.76 19.13 5.59
CA LEU A 80 27.03 18.45 5.80
C LEU A 80 28.22 19.41 5.76
N ARG A 81 29.27 19.06 6.50
CA ARG A 81 30.56 19.70 6.32
C ARG A 81 31.53 18.77 5.62
N ASP A 82 32.06 19.21 4.47
CA ASP A 82 32.98 18.40 3.66
C ASP A 82 34.20 17.98 4.46
N CYS A 83 34.67 16.79 4.15
CA CYS A 83 35.86 16.29 4.77
C CYS A 83 37.08 17.16 4.43
N ASN A 84 37.07 17.76 3.23
CA ASN A 84 38.08 18.75 2.83
C ASN A 84 38.21 19.91 3.80
N SER A 85 37.09 20.34 4.36
CA SER A 85 37.00 21.63 5.06
C SER A 85 37.46 21.55 6.49
N LEU A 86 37.45 20.34 7.03
CA LEU A 86 37.84 20.12 8.40
C LEU A 86 39.33 19.79 8.42
N PRO A 87 40.14 20.65 9.04
CA PRO A 87 41.54 20.35 9.29
C PRO A 87 41.73 19.08 10.11
N GLY A 88 42.84 18.40 9.91
CA GLY A 88 43.17 17.18 10.64
C GLY A 88 43.02 15.97 9.75
N VAL A 89 43.67 14.89 10.14
CA VAL A 89 43.70 13.65 9.34
C VAL A 89 42.48 12.80 9.69
N MET A 90 41.92 12.08 8.70
CA MET A 90 40.60 11.42 8.86
C MET A 90 40.28 10.28 7.89
N GLY A 91 41.07 9.21 7.90
CA GLY A 91 40.86 8.08 6.99
C GLY A 91 39.44 7.51 6.91
N THR A 92 38.59 7.90 7.84
CA THR A 92 37.24 7.35 7.91
C THR A 92 36.12 8.40 7.78
N CYS A 93 36.46 9.68 7.62
CA CYS A 93 35.47 10.74 7.39
C CYS A 93 34.48 10.39 6.27
N LYS A 94 33.23 10.84 6.38
CA LYS A 94 32.16 10.56 5.39
C LYS A 94 31.38 11.81 5.04
N GLU A 95 30.69 11.75 3.91
CA GLU A 95 29.89 12.87 3.39
C GLU A 95 28.45 12.38 3.10
N THR A 96 28.04 11.31 3.77
CA THR A 96 26.68 10.77 3.65
C THR A 96 26.22 10.23 5.01
N PHE A 97 24.91 10.03 5.16
CA PHE A 97 24.38 9.19 6.25
C PHE A 97 23.44 8.20 5.60
N ASN A 98 23.01 7.20 6.39
CA ASN A 98 22.03 6.21 5.94
C ASN A 98 20.67 6.50 6.55
N LEU A 99 19.62 6.10 5.83
CA LEU A 99 18.24 6.34 6.28
C LEU A 99 17.56 4.98 6.23
N TYR A 100 16.86 4.63 7.30
CA TYR A 100 16.27 3.33 7.46
C TYR A 100 14.83 3.51 7.88
N TYR A 101 14.01 2.49 7.69
CA TYR A 101 12.70 2.46 8.35
C TYR A 101 12.43 1.07 8.91
N TYR A 102 11.54 1.06 9.89
CA TYR A 102 11.13 -0.18 10.56
C TYR A 102 9.60 -0.17 10.77
N GLU A 103 8.90 -1.13 10.17
CA GLU A 103 7.44 -1.24 10.27
C GLU A 103 7.01 -1.96 11.55
N SER A 104 6.15 -1.30 12.34
CA SER A 104 5.68 -1.87 13.61
C SER A 104 4.24 -1.49 13.98
N ASP A 105 3.56 -2.42 14.64
CA ASP A 105 2.24 -2.15 15.16
C ASP A 105 2.33 -1.60 16.55
N ASN A 106 3.50 -1.71 17.16
CA ASN A 106 3.74 -1.22 18.51
C ASN A 106 4.30 0.19 18.54
N ASP A 107 3.62 1.08 19.25
CA ASP A 107 3.97 2.48 19.24
C ASP A 107 4.85 2.89 20.39
N LYS A 108 5.55 1.93 21.00
CA LYS A 108 6.35 2.20 22.19
C LYS A 108 7.50 1.19 22.36
N GLU A 109 8.11 0.77 21.27
CA GLU A 109 9.29 -0.09 21.36
C GLU A 109 10.45 0.71 21.98
N ARG A 110 11.22 0.09 22.87
CA ARG A 110 12.26 0.80 23.63
C ARG A 110 13.63 0.67 23.00
N PHE A 111 13.97 -0.55 22.61
CA PHE A 111 15.18 -0.84 21.87
C PHE A 111 14.82 -1.67 20.66
N ILE A 112 14.90 -1.06 19.49
CA ILE A 112 14.82 -1.79 18.24
C ILE A 112 16.23 -2.11 17.78
N ARG A 113 16.45 -3.37 17.44
CA ARG A 113 17.74 -3.80 16.98
C ARG A 113 18.04 -3.13 15.65
N GLU A 114 19.33 -2.89 15.40
CA GLU A 114 19.78 -2.35 14.12
C GLU A 114 19.29 -3.21 12.95
N ASN A 115 19.27 -4.52 13.14
CA ASN A 115 19.02 -5.46 12.03
C ASN A 115 17.56 -5.69 11.66
N GLN A 116 16.63 -5.14 12.44
CA GLN A 116 15.24 -5.10 12.02
C GLN A 116 15.00 -3.92 11.06
N PHE A 117 16.01 -3.05 10.91
CA PHE A 117 15.87 -1.83 10.15
C PHE A 117 16.14 -2.06 8.68
N VAL A 118 15.38 -1.36 7.87
CA VAL A 118 15.35 -1.60 6.45
C VAL A 118 15.78 -0.31 5.78
N LYS A 119 16.89 -0.42 5.07
CA LYS A 119 17.55 0.69 4.45
C LYS A 119 16.70 1.24 3.30
N ILE A 120 16.48 2.54 3.33
CA ILE A 120 15.79 3.23 2.27
C ILE A 120 16.87 3.76 1.31
N ASP A 121 17.82 4.54 1.84
CA ASP A 121 18.93 4.98 1.00
C ASP A 121 20.17 5.52 1.74
N THR A 122 21.27 5.60 1.03
CA THR A 122 22.41 6.42 1.47
C THR A 122 22.13 7.85 0.99
N ILE A 123 22.26 8.84 1.87
CA ILE A 123 21.86 10.20 1.57
C ILE A 123 23.05 11.11 1.58
N ALA A 124 23.28 11.73 0.43
CA ALA A 124 24.39 12.64 0.22
C ALA A 124 23.83 13.98 -0.15
N ALA A 125 24.65 15.00 0.02
CA ALA A 125 24.40 16.28 -0.59
C ALA A 125 24.42 16.10 -2.11
N ASP A 126 23.27 16.22 -2.76
CA ASP A 126 23.25 16.17 -4.23
C ASP A 126 23.07 17.60 -4.72
N GLU A 127 22.29 17.81 -5.77
CA GLU A 127 22.12 19.13 -6.38
C GLU A 127 21.09 19.98 -5.64
N SER A 128 20.14 19.35 -4.97
CA SER A 128 18.93 20.04 -4.51
C SER A 128 19.18 20.77 -3.23
N PHE A 129 18.68 21.98 -3.13
CA PHE A 129 18.74 22.70 -1.88
C PHE A 129 17.54 23.63 -1.64
N THR A 130 17.45 24.05 -0.39
CA THR A 130 16.50 25.02 0.05
C THR A 130 17.30 26.09 0.80
N GLN A 131 16.69 27.24 0.96
CA GLN A 131 17.23 28.31 1.78
C GLN A 131 16.17 28.60 2.82
N VAL A 132 16.57 28.77 4.07
CA VAL A 132 15.64 29.14 5.12
C VAL A 132 16.14 30.42 5.81
N ASP A 133 15.34 31.46 5.72
CA ASP A 133 15.70 32.77 6.26
C ASP A 133 15.41 32.73 7.75
N ILE A 134 16.44 32.83 8.58
CA ILE A 134 16.24 32.82 10.03
C ILE A 134 16.71 34.12 10.67
N GLY A 135 16.80 35.18 9.85
CA GLY A 135 17.05 36.52 10.35
C GLY A 135 18.47 36.96 10.11
N ASP A 136 19.36 36.62 11.03
CA ASP A 136 20.78 36.96 10.91
C ASP A 136 21.46 36.22 9.77
N ARG A 137 20.99 35.00 9.49
CA ARG A 137 21.58 34.14 8.49
C ARG A 137 20.50 33.55 7.61
N ILE A 138 20.91 32.99 6.48
CA ILE A 138 20.07 32.18 5.63
C ILE A 138 20.68 30.79 5.51
N MET A 139 20.06 29.82 6.16
CA MET A 139 20.56 28.48 6.08
C MET A 139 20.29 28.04 4.67
N LYS A 140 21.38 27.79 3.96
CA LYS A 140 21.30 27.03 2.73
C LYS A 140 21.47 25.56 3.14
N LEU A 141 20.55 24.70 2.73
CA LEU A 141 20.56 23.30 3.16
C LEU A 141 20.30 22.38 2.02
N ASN A 142 20.71 21.13 2.12
CA ASN A 142 20.28 20.17 1.12
C ASN A 142 18.88 19.76 1.44
N THR A 143 18.08 19.52 0.40
CA THR A 143 16.74 18.91 0.54
C THR A 143 16.75 17.61 -0.19
N GLU A 144 16.67 16.49 0.50
CA GLU A 144 16.39 15.24 -0.18
C GLU A 144 14.99 14.76 0.18
N ILE A 145 14.35 14.09 -0.77
CA ILE A 145 13.06 13.45 -0.56
C ILE A 145 13.19 12.04 -1.03
N ARG A 146 12.76 11.08 -0.20
CA ARG A 146 12.60 9.67 -0.61
C ARG A 146 11.18 9.23 -0.31
N ASP A 147 10.76 8.15 -0.96
CA ASP A 147 9.49 7.56 -0.63
C ASP A 147 9.63 6.10 -0.29
N VAL A 148 8.71 5.59 0.55
CA VAL A 148 8.68 4.18 0.93
C VAL A 148 7.29 3.58 0.92
N GLY A 149 7.22 2.32 0.52
CA GLY A 149 6.03 1.53 0.60
C GLY A 149 6.17 0.30 -0.27
N PRO A 150 5.12 -0.51 -0.37
CA PRO A 150 3.84 -0.23 0.28
C PRO A 150 3.96 -0.63 1.75
N LEU A 151 3.48 0.22 2.64
CA LEU A 151 3.42 -0.08 4.06
C LEU A 151 2.11 -0.80 4.38
N SER A 152 2.18 -1.74 5.32
CA SER A 152 1.02 -2.53 5.79
C SER A 152 0.69 -2.45 7.31
N LYS A 153 1.70 -2.37 8.16
CA LYS A 153 1.49 -2.27 9.62
C LYS A 153 0.95 -0.91 9.98
N LYS A 154 0.54 -0.72 11.24
CA LYS A 154 -0.12 0.52 11.69
C LYS A 154 0.72 1.78 11.50
N GLY A 155 1.98 1.71 11.93
CA GLY A 155 2.92 2.81 11.79
C GLY A 155 4.32 2.29 11.56
N PHE A 156 5.30 3.14 11.82
CA PHE A 156 6.69 2.86 11.53
C PHE A 156 7.60 3.83 12.26
N TYR A 157 8.88 3.47 12.26
CA TYR A 157 9.93 4.21 12.91
C TYR A 157 10.94 4.55 11.84
N LEU A 158 11.56 5.73 11.95
CA LEU A 158 12.67 6.09 11.06
C LEU A 158 13.93 6.16 11.85
N ALA A 159 14.99 5.65 11.23
CA ALA A 159 16.31 5.65 11.85
C ALA A 159 17.26 6.35 10.91
N PHE A 160 18.21 7.05 11.49
CA PHE A 160 19.27 7.68 10.73
C PHE A 160 20.61 7.16 11.27
N GLN A 161 21.43 6.58 10.41
CA GLN A 161 22.72 6.10 10.83
C GLN A 161 23.84 6.96 10.31
N ASP A 162 24.70 7.41 11.22
CA ASP A 162 25.94 8.11 10.92
C ASP A 162 27.09 7.15 11.11
N VAL A 163 28.00 7.10 10.13
CA VAL A 163 29.24 6.31 10.22
C VAL A 163 30.50 7.14 10.06
N GLY A 164 30.46 8.40 10.46
CA GLY A 164 31.64 9.29 10.50
C GLY A 164 31.51 10.57 9.70
N ALA A 165 30.29 11.09 9.54
CA ALA A 165 30.03 12.35 8.82
C ALA A 165 29.97 13.47 9.85
N CYS A 166 30.12 14.72 9.38
CA CYS A 166 29.76 15.90 10.18
C CYS A 166 28.41 16.47 9.68
N ILE A 167 27.33 16.10 10.36
CA ILE A 167 25.99 16.25 9.79
C ILE A 167 25.05 16.94 10.75
N ALA A 168 24.29 17.89 10.22
CA ALA A 168 23.25 18.53 10.95
C ALA A 168 21.93 18.23 10.21
N LEU A 169 21.04 17.50 10.89
CA LEU A 169 19.69 17.25 10.34
C LEU A 169 18.84 18.39 10.83
N VAL A 170 18.44 19.26 9.92
CA VAL A 170 17.69 20.42 10.33
C VAL A 170 16.15 20.24 10.28
N SER A 171 15.60 19.55 9.29
CA SER A 171 14.15 19.37 9.25
C SER A 171 13.91 17.96 8.75
N VAL A 172 13.03 17.24 9.44
CA VAL A 172 12.48 15.98 8.95
C VAL A 172 10.98 16.18 8.85
N ARG A 173 10.45 16.08 7.64
CA ARG A 173 9.01 16.05 7.43
C ARG A 173 8.64 14.68 6.87
N VAL A 174 7.55 14.11 7.36
CA VAL A 174 6.98 12.91 6.75
C VAL A 174 5.54 13.19 6.36
N PHE A 175 5.13 12.63 5.23
CA PHE A 175 3.80 12.87 4.75
C PHE A 175 3.40 11.84 3.73
N TYR A 176 2.14 11.88 3.35
CA TYR A 176 1.62 11.06 2.30
C TYR A 176 0.73 11.95 1.46
N LYS A 177 0.30 11.44 0.33
CA LYS A 177 -0.53 12.23 -0.55
C LYS A 177 -1.95 11.75 -0.46
N LYS A 178 -2.82 12.63 0.05
CA LYS A 178 -4.27 12.41 0.14
C LYS A 178 -4.79 12.54 -1.28
N ALA A 179 -5.09 11.38 -1.86
CA ALA A 179 -4.96 11.11 -3.28
C ALA A 179 -4.65 9.60 -3.42
N GLY B 3 -3.09 -29.32 -0.67
CA GLY B 3 -3.16 -30.81 -0.70
C GLY B 3 -4.48 -31.38 -1.16
N ASN B 4 -5.59 -30.92 -0.60
CA ASN B 4 -6.88 -31.54 -0.84
C ASN B 4 -7.84 -30.76 -1.73
N GLU B 5 -7.53 -29.52 -2.01
CA GLU B 5 -8.30 -28.73 -2.95
C GLU B 5 -7.82 -29.01 -4.38
N VAL B 6 -8.72 -29.44 -5.28
CA VAL B 6 -8.40 -29.51 -6.71
C VAL B 6 -9.08 -28.35 -7.42
N THR B 7 -8.28 -27.49 -8.08
CA THR B 7 -8.81 -26.32 -8.77
C THR B 7 -9.56 -26.66 -10.05
N LEU B 8 -10.81 -26.20 -10.16
CA LEU B 8 -11.61 -26.39 -11.36
C LEU B 8 -11.49 -25.21 -12.34
N LEU B 9 -11.38 -24.00 -11.79
CA LEU B 9 -11.10 -22.81 -12.55
C LEU B 9 -10.26 -21.91 -11.68
N ASP B 10 -9.26 -21.25 -12.26
CA ASP B 10 -8.60 -20.16 -11.53
C ASP B 10 -8.34 -19.01 -12.47
N SER B 11 -8.89 -17.86 -12.12
CA SER B 11 -8.83 -16.72 -13.00
C SER B 11 -7.40 -16.21 -13.01
N ARG B 12 -6.69 -16.36 -11.90
CA ARG B 12 -5.32 -15.84 -11.83
C ARG B 12 -4.33 -16.62 -12.67
N SER B 13 -4.74 -17.76 -13.21
CA SER B 13 -3.85 -18.60 -14.01
C SER B 13 -4.18 -18.52 -15.50
N VAL B 14 -5.25 -17.82 -15.85
CA VAL B 14 -5.72 -17.81 -17.23
C VAL B 14 -4.74 -17.11 -18.14
N GLN B 15 -4.46 -17.79 -19.25
CA GLN B 15 -3.57 -17.33 -20.28
C GLN B 15 -4.30 -16.37 -21.25
N GLY B 16 -3.97 -15.07 -21.15
CA GLY B 16 -4.50 -14.08 -22.06
C GLY B 16 -5.73 -13.44 -21.46
N GLU B 17 -6.62 -12.93 -22.32
CA GLU B 17 -7.91 -12.42 -21.86
C GLU B 17 -8.76 -13.59 -21.39
N LEU B 18 -9.58 -13.34 -20.36
CA LEU B 18 -10.55 -14.30 -19.86
C LEU B 18 -11.69 -14.57 -20.88
N GLY B 19 -12.16 -13.50 -21.52
CA GLY B 19 -13.18 -13.60 -22.56
C GLY B 19 -14.46 -14.29 -22.09
N TRP B 20 -14.92 -13.89 -20.89
CA TRP B 20 -16.20 -14.36 -20.36
C TRP B 20 -17.31 -13.57 -21.04
N ILE B 21 -18.49 -14.17 -21.11
CA ILE B 21 -19.59 -13.57 -21.82
C ILE B 21 -20.22 -12.60 -20.88
N ALA B 22 -20.38 -11.37 -21.33
CA ALA B 22 -20.97 -10.30 -20.54
C ALA B 22 -22.17 -9.73 -21.30
N SER B 23 -23.08 -9.14 -20.55
CA SER B 23 -24.40 -8.79 -21.04
C SER B 23 -24.94 -7.72 -20.14
N PRO B 24 -25.06 -6.49 -20.65
CA PRO B 24 -24.76 -6.03 -22.01
C PRO B 24 -23.27 -6.18 -22.38
N LEU B 25 -22.99 -6.47 -23.66
CA LEU B 25 -21.62 -6.75 -24.11
C LEU B 25 -20.66 -5.54 -23.96
N GLU B 26 -21.20 -4.33 -23.88
CA GLU B 26 -20.42 -3.14 -23.54
C GLU B 26 -21.15 -2.20 -22.61
N GLY B 27 -20.35 -1.42 -21.87
CA GLY B 27 -20.88 -0.48 -20.91
C GLY B 27 -21.16 -1.11 -19.56
N GLY B 28 -21.08 -2.43 -19.47
CA GLY B 28 -21.36 -3.16 -18.26
C GLY B 28 -20.08 -3.69 -17.62
N TRP B 29 -19.98 -5.02 -17.54
CA TRP B 29 -18.84 -5.64 -16.94
C TRP B 29 -17.78 -5.58 -18.01
N GLU B 30 -16.61 -5.03 -17.68
CA GLU B 30 -15.52 -4.90 -18.62
C GLU B 30 -14.22 -5.49 -18.09
N GLU B 31 -13.41 -6.01 -19.02
CA GLU B 31 -12.17 -6.63 -18.65
C GLU B 31 -11.22 -5.49 -18.33
N VAL B 32 -10.49 -5.64 -17.21
CA VAL B 32 -9.51 -4.67 -16.73
C VAL B 32 -8.29 -5.35 -16.07
N SER B 33 -7.12 -5.01 -16.61
CA SER B 33 -5.85 -5.55 -16.17
C SER B 33 -5.25 -4.71 -15.09
N ILE B 34 -4.67 -5.39 -14.12
CA ILE B 34 -3.87 -4.76 -13.09
C ILE B 34 -2.45 -5.26 -13.29
N MET B 35 -1.49 -4.40 -13.56
CA MET B 35 -0.16 -4.89 -13.88
C MET B 35 0.61 -5.16 -12.58
N ASP B 36 1.13 -6.38 -12.45
CA ASP B 36 1.80 -6.78 -11.20
C ASP B 36 3.29 -6.40 -11.21
N GLU B 37 4.02 -6.84 -10.19
CA GLU B 37 5.44 -6.51 -10.05
C GLU B 37 6.22 -6.77 -11.34
N LYS B 38 5.92 -7.86 -12.02
CA LYS B 38 6.63 -8.30 -13.23
C LYS B 38 6.05 -7.76 -14.56
N ASN B 39 5.12 -6.83 -14.48
CA ASN B 39 4.37 -6.42 -15.65
C ASN B 39 3.63 -7.60 -16.32
N THR B 40 3.05 -8.43 -15.46
CA THR B 40 2.11 -9.47 -15.84
C THR B 40 0.73 -9.00 -15.35
N PRO B 41 -0.31 -9.14 -16.18
CA PRO B 41 -1.62 -8.59 -15.84
C PRO B 41 -2.46 -9.49 -14.98
N ILE B 42 -3.07 -8.90 -13.96
CA ILE B 42 -4.13 -9.52 -13.23
C ILE B 42 -5.45 -9.14 -13.96
N ARG B 43 -6.19 -10.16 -14.42
CA ARG B 43 -7.37 -10.00 -15.26
C ARG B 43 -8.59 -9.97 -14.38
N THR B 44 -9.10 -8.79 -14.11
CA THR B 44 -10.27 -8.60 -13.30
C THR B 44 -11.45 -8.26 -14.24
N TYR B 45 -12.64 -8.12 -13.66
CA TYR B 45 -13.80 -7.55 -14.38
C TYR B 45 -14.41 -6.51 -13.48
N GLN B 46 -14.66 -5.32 -14.03
CA GLN B 46 -15.23 -4.25 -13.25
C GLN B 46 -16.46 -3.64 -13.91
N VAL B 47 -17.24 -2.97 -13.08
CA VAL B 47 -18.35 -2.17 -13.53
C VAL B 47 -18.63 -1.18 -12.42
N CYS B 48 -18.96 0.05 -12.80
CA CYS B 48 -19.17 1.09 -11.81
C CYS B 48 -20.13 2.19 -12.29
N ASN B 49 -21.25 1.79 -12.92
CA ASN B 49 -22.28 2.73 -13.42
C ASN B 49 -23.20 3.31 -12.36
N VAL B 50 -22.64 3.72 -11.22
CA VAL B 50 -23.42 4.20 -10.07
C VAL B 50 -24.16 5.54 -10.29
N MET B 51 -23.84 6.26 -11.35
CA MET B 51 -24.59 7.48 -11.66
C MET B 51 -25.76 7.20 -12.62
N GLU B 52 -25.97 5.94 -12.98
CA GLU B 52 -26.88 5.56 -14.04
C GLU B 52 -27.96 4.68 -13.45
N PRO B 53 -29.24 4.98 -13.76
CA PRO B 53 -30.31 4.26 -13.08
C PRO B 53 -30.56 2.85 -13.66
N SER B 54 -31.26 2.02 -12.89
CA SER B 54 -31.69 0.66 -13.28
C SER B 54 -30.60 -0.21 -13.91
N GLN B 55 -29.53 -0.48 -13.16
CA GLN B 55 -28.43 -1.33 -13.64
C GLN B 55 -28.75 -2.81 -13.46
N ASN B 56 -28.59 -3.60 -14.51
CA ASN B 56 -28.75 -5.04 -14.44
C ASN B 56 -27.68 -5.66 -15.31
N ASN B 57 -26.43 -5.51 -14.89
CA ASN B 57 -25.31 -5.94 -15.69
C ASN B 57 -24.84 -7.29 -15.24
N TRP B 58 -24.65 -8.17 -16.24
CA TRP B 58 -24.51 -9.59 -16.06
C TRP B 58 -23.22 -10.04 -16.72
N LEU B 59 -22.58 -11.03 -16.09
CA LEU B 59 -21.31 -11.60 -16.51
C LEU B 59 -21.27 -13.09 -16.23
N ARG B 60 -20.80 -13.91 -17.14
CA ARG B 60 -20.68 -15.34 -16.84
C ARG B 60 -19.50 -16.08 -17.44
N THR B 61 -19.01 -17.03 -16.67
CA THR B 61 -17.79 -17.72 -16.97
C THR B 61 -18.07 -18.63 -18.10
N ASP B 62 -17.02 -19.18 -18.67
CA ASP B 62 -17.15 -20.36 -19.50
C ASP B 62 -17.55 -21.57 -18.66
N TRP B 63 -17.86 -22.65 -19.35
CA TRP B 63 -18.28 -23.89 -18.75
C TRP B 63 -17.15 -24.52 -17.91
N ILE B 64 -17.53 -24.92 -16.69
CA ILE B 64 -16.65 -25.48 -15.69
C ILE B 64 -17.03 -26.92 -15.43
N THR B 65 -16.21 -27.89 -15.84
CA THR B 65 -16.36 -29.28 -15.39
C THR B 65 -16.46 -29.37 -13.86
N ARG B 66 -17.15 -30.38 -13.32
CA ARG B 66 -17.13 -30.59 -11.87
C ARG B 66 -16.36 -31.84 -11.55
N GLU B 67 -15.90 -32.53 -12.59
CA GLU B 67 -15.26 -33.83 -12.44
C GLU B 67 -16.25 -34.76 -11.70
N GLY B 68 -15.81 -35.48 -10.67
CA GLY B 68 -16.76 -36.28 -9.87
C GLY B 68 -17.32 -35.58 -8.65
N ALA B 69 -17.04 -34.28 -8.51
CA ALA B 69 -17.29 -33.61 -7.25
C ALA B 69 -18.72 -33.18 -7.24
N GLN B 70 -19.41 -33.51 -6.15
CA GLN B 70 -20.80 -33.11 -5.94
C GLN B 70 -20.86 -31.74 -5.31
N ARG B 71 -19.86 -31.40 -4.52
CA ARG B 71 -19.79 -30.09 -3.88
C ARG B 71 -18.55 -29.32 -4.34
N VAL B 72 -18.76 -28.07 -4.70
CA VAL B 72 -17.67 -27.19 -5.12
C VAL B 72 -17.66 -25.93 -4.27
N TYR B 73 -16.51 -25.28 -4.19
CA TYR B 73 -16.38 -24.00 -3.46
C TYR B 73 -15.88 -22.92 -4.41
N ILE B 74 -16.50 -21.76 -4.28
CA ILE B 74 -16.23 -20.65 -5.12
C ILE B 74 -15.57 -19.59 -4.26
N GLU B 75 -14.32 -19.23 -4.57
CA GLU B 75 -13.64 -18.21 -3.78
C GLU B 75 -13.48 -16.97 -4.60
N ILE B 76 -13.90 -15.84 -4.07
CA ILE B 76 -13.81 -14.60 -4.79
C ILE B 76 -13.12 -13.50 -4.00
N LYS B 77 -12.16 -12.85 -4.65
CA LYS B 77 -11.53 -11.65 -4.13
C LYS B 77 -12.01 -10.47 -4.98
N PHE B 78 -12.40 -9.41 -4.30
CA PHE B 78 -13.06 -8.32 -4.96
C PHE B 78 -12.92 -7.06 -4.12
N THR B 79 -13.40 -5.93 -4.62
CA THR B 79 -13.36 -4.68 -3.89
C THR B 79 -14.43 -3.74 -4.42
N LEU B 80 -15.08 -3.00 -3.53
CA LEU B 80 -16.12 -2.05 -3.87
C LEU B 80 -15.67 -0.70 -3.36
N ARG B 81 -16.29 0.33 -3.87
CA ARG B 81 -16.25 1.61 -3.23
C ARG B 81 -17.61 1.76 -2.57
N ASP B 82 -17.60 2.22 -1.31
CA ASP B 82 -18.84 2.50 -0.63
C ASP B 82 -19.50 3.68 -1.33
N CYS B 83 -20.83 3.66 -1.40
CA CYS B 83 -21.62 4.77 -1.94
C CYS B 83 -21.33 6.08 -1.19
N ASN B 84 -21.18 5.97 0.13
CA ASN B 84 -20.64 7.02 1.02
C ASN B 84 -19.43 7.80 0.50
N SER B 85 -18.58 7.15 -0.29
CA SER B 85 -17.28 7.70 -0.65
C SER B 85 -17.17 8.21 -2.10
N LEU B 86 -18.30 8.33 -2.78
CA LEU B 86 -18.34 8.66 -4.19
C LEU B 86 -19.31 9.80 -4.37
N PRO B 87 -18.81 11.04 -4.44
CA PRO B 87 -19.73 12.18 -4.46
C PRO B 87 -20.76 12.16 -5.60
N GLY B 88 -21.92 12.76 -5.32
CA GLY B 88 -23.07 12.76 -6.23
C GLY B 88 -24.30 12.27 -5.49
N VAL B 89 -25.49 12.61 -6.02
CA VAL B 89 -26.71 11.95 -5.55
C VAL B 89 -26.82 10.60 -6.26
N MET B 90 -27.22 9.60 -5.47
CA MET B 90 -27.18 8.21 -5.88
C MET B 90 -28.37 7.44 -5.34
N GLY B 91 -29.51 7.59 -6.00
CA GLY B 91 -30.74 6.96 -5.56
C GLY B 91 -30.54 5.48 -5.38
N THR B 92 -29.94 4.86 -6.39
CA THR B 92 -29.92 3.42 -6.50
C THR B 92 -28.51 2.77 -6.28
N CYS B 93 -27.54 3.51 -5.76
CA CYS B 93 -26.20 2.95 -5.56
C CYS B 93 -26.19 1.78 -4.57
N LYS B 94 -25.42 0.74 -4.89
CA LYS B 94 -25.40 -0.51 -4.13
C LYS B 94 -24.01 -0.80 -3.67
N GLU B 95 -23.90 -1.66 -2.67
CA GLU B 95 -22.59 -2.15 -2.20
C GLU B 95 -22.62 -3.65 -2.09
N THR B 96 -23.36 -4.31 -2.97
CA THR B 96 -23.39 -5.76 -3.02
C THR B 96 -23.38 -6.21 -4.45
N PHE B 97 -23.27 -7.52 -4.63
CA PHE B 97 -23.54 -8.11 -5.92
C PHE B 97 -24.12 -9.54 -5.74
N ASN B 98 -24.65 -10.10 -6.80
CA ASN B 98 -25.28 -11.40 -6.72
C ASN B 98 -24.52 -12.43 -7.53
N LEU B 99 -24.43 -13.62 -6.95
CA LEU B 99 -23.64 -14.67 -7.53
C LEU B 99 -24.62 -15.78 -7.85
N TYR B 100 -24.45 -16.50 -8.96
CA TYR B 100 -25.37 -17.52 -9.45
C TYR B 100 -24.59 -18.62 -10.11
N TYR B 101 -25.20 -19.79 -10.28
CA TYR B 101 -24.71 -20.81 -11.21
C TYR B 101 -25.87 -21.46 -11.92
N TYR B 102 -25.53 -22.35 -12.84
CA TYR B 102 -26.47 -23.12 -13.56
C TYR B 102 -25.74 -24.32 -14.15
N GLU B 103 -26.24 -25.53 -13.84
CA GLU B 103 -25.64 -26.78 -14.30
C GLU B 103 -25.99 -27.06 -15.76
N SER B 104 -25.07 -27.66 -16.48
CA SER B 104 -25.34 -28.11 -17.84
C SER B 104 -24.34 -29.14 -18.27
N ASP B 105 -24.80 -30.05 -19.13
CA ASP B 105 -23.88 -30.95 -19.83
C ASP B 105 -23.40 -30.37 -21.15
N ASN B 106 -23.86 -29.17 -21.53
CA ASN B 106 -23.42 -28.54 -22.79
C ASN B 106 -22.32 -27.52 -22.54
N ASP B 107 -21.10 -27.88 -22.89
CA ASP B 107 -19.99 -27.01 -22.58
C ASP B 107 -19.82 -25.83 -23.56
N LYS B 108 -20.76 -25.65 -24.47
CA LYS B 108 -20.71 -24.54 -25.41
C LYS B 108 -22.06 -23.85 -25.52
N GLU B 109 -22.75 -23.67 -24.38
CA GLU B 109 -24.00 -22.91 -24.37
C GLU B 109 -23.74 -21.52 -24.95
N ARG B 110 -24.66 -21.00 -25.74
CA ARG B 110 -24.46 -19.67 -26.32
C ARG B 110 -25.11 -18.64 -25.42
N PHE B 111 -26.43 -18.60 -25.41
CA PHE B 111 -27.15 -17.85 -24.40
C PHE B 111 -27.58 -18.78 -23.28
N ILE B 112 -27.66 -18.23 -22.07
CA ILE B 112 -28.33 -18.87 -20.93
C ILE B 112 -29.25 -17.79 -20.35
N ARG B 113 -30.49 -18.14 -20.03
CA ARG B 113 -31.46 -17.11 -19.60
C ARG B 113 -31.16 -16.71 -18.19
N GLU B 114 -31.60 -15.52 -17.77
CA GLU B 114 -31.47 -15.05 -16.39
C GLU B 114 -32.16 -15.99 -15.41
N ASN B 115 -33.38 -16.40 -15.76
CA ASN B 115 -34.20 -17.28 -14.92
C ASN B 115 -33.69 -18.73 -14.85
N GLN B 116 -32.89 -19.14 -15.82
CA GLN B 116 -32.18 -20.40 -15.76
C GLN B 116 -31.09 -20.43 -14.67
N PHE B 117 -30.65 -19.27 -14.20
CA PHE B 117 -29.58 -19.23 -13.18
C PHE B 117 -30.13 -19.38 -11.74
N VAL B 118 -29.45 -20.20 -10.93
CA VAL B 118 -29.80 -20.33 -9.52
C VAL B 118 -28.93 -19.38 -8.65
N LYS B 119 -29.57 -18.56 -7.82
CA LYS B 119 -28.86 -17.64 -6.98
C LYS B 119 -28.09 -18.45 -5.94
N ILE B 120 -26.87 -18.03 -5.65
CA ILE B 120 -26.08 -18.66 -4.62
C ILE B 120 -26.16 -17.76 -3.40
N ASP B 121 -25.95 -16.47 -3.59
CA ASP B 121 -26.02 -15.56 -2.46
C ASP B 121 -25.81 -14.15 -2.95
N THR B 122 -26.14 -13.21 -2.07
CA THR B 122 -25.84 -11.81 -2.26
C THR B 122 -24.53 -11.55 -1.55
N ILE B 123 -23.49 -11.21 -2.29
CA ILE B 123 -22.14 -11.07 -1.75
C ILE B 123 -21.91 -9.64 -1.31
N ALA B 124 -21.32 -9.44 -0.14
CA ALA B 124 -21.11 -8.09 0.37
C ALA B 124 -19.73 -8.00 0.96
N ALA B 125 -19.21 -6.78 1.08
CA ALA B 125 -17.97 -6.54 1.83
C ALA B 125 -18.23 -6.80 3.28
N ASP B 126 -17.78 -7.96 3.76
CA ASP B 126 -18.00 -8.40 5.15
C ASP B 126 -16.66 -8.33 5.92
N GLU B 127 -16.49 -9.16 6.94
CA GLU B 127 -15.34 -9.08 7.84
C GLU B 127 -14.02 -9.50 7.21
N SER B 128 -14.12 -10.34 6.19
CA SER B 128 -13.02 -11.18 5.76
C SER B 128 -12.24 -10.54 4.60
N PHE B 129 -10.93 -10.43 4.75
CA PHE B 129 -10.05 -9.69 3.84
C PHE B 129 -8.84 -10.51 3.38
N THR B 130 -8.15 -9.99 2.38
CA THR B 130 -6.85 -10.53 2.01
C THR B 130 -5.98 -9.44 1.41
N GLN B 131 -4.68 -9.61 1.57
CA GLN B 131 -3.72 -8.67 1.03
C GLN B 131 -2.92 -9.36 -0.05
N VAL B 132 -2.92 -8.79 -1.26
CA VAL B 132 -2.19 -9.34 -2.39
C VAL B 132 -1.16 -8.31 -2.79
N ASP B 133 0.08 -8.77 -2.94
CA ASP B 133 1.22 -7.89 -3.14
C ASP B 133 1.57 -7.84 -4.61
N ILE B 134 1.36 -6.67 -5.20
CA ILE B 134 1.54 -6.46 -6.63
C ILE B 134 2.71 -5.51 -6.89
N GLY B 135 3.51 -5.26 -5.83
CA GLY B 135 4.71 -4.43 -5.90
C GLY B 135 4.50 -3.06 -5.30
N ASP B 136 4.06 -2.12 -6.12
CA ASP B 136 3.91 -0.72 -5.74
C ASP B 136 2.76 -0.52 -4.74
N ARG B 137 1.80 -1.44 -4.75
CA ARG B 137 0.72 -1.47 -3.79
C ARG B 137 0.53 -2.89 -3.24
N ILE B 138 0.01 -2.95 -2.01
CA ILE B 138 -0.63 -4.15 -1.52
C ILE B 138 -2.15 -3.95 -1.64
N MET B 139 -2.84 -4.91 -2.26
CA MET B 139 -4.28 -4.79 -2.48
C MET B 139 -4.97 -5.49 -1.31
N LYS B 140 -5.59 -4.67 -0.45
CA LYS B 140 -6.54 -5.09 0.56
C LYS B 140 -7.92 -5.36 -0.08
N LEU B 141 -8.28 -6.64 -0.25
CA LEU B 141 -9.46 -7.05 -1.02
C LEU B 141 -10.30 -7.91 -0.08
N ASN B 142 -11.63 -7.89 -0.26
CA ASN B 142 -12.50 -8.82 0.43
C ASN B 142 -12.41 -10.19 -0.24
N THR B 143 -12.34 -11.23 0.59
CA THR B 143 -12.47 -12.62 0.12
C THR B 143 -13.69 -13.19 0.71
N GLU B 144 -14.42 -13.95 -0.09
CA GLU B 144 -15.62 -14.56 0.39
C GLU B 144 -15.66 -15.92 -0.26
N ILE B 145 -15.92 -16.96 0.52
CA ILE B 145 -16.14 -18.26 -0.09
C ILE B 145 -17.61 -18.70 0.04
N ARG B 146 -18.13 -19.33 -1.01
CA ARG B 146 -19.48 -19.94 -0.95
C ARG B 146 -19.36 -21.30 -1.57
N ASP B 147 -20.04 -22.30 -1.02
CA ASP B 147 -20.07 -23.63 -1.63
C ASP B 147 -21.45 -23.97 -2.16
N VAL B 148 -21.48 -24.94 -3.06
CA VAL B 148 -22.62 -25.25 -3.86
C VAL B 148 -22.73 -26.74 -4.15
N GLY B 149 -23.93 -27.25 -4.11
CA GLY B 149 -24.23 -28.61 -4.60
C GLY B 149 -25.44 -29.10 -3.84
N PRO B 150 -25.78 -30.39 -4.00
CA PRO B 150 -25.04 -31.36 -4.79
C PRO B 150 -25.25 -31.14 -6.27
N LEU B 151 -24.17 -31.17 -7.05
CA LEU B 151 -24.25 -31.06 -8.50
C LEU B 151 -24.57 -32.44 -9.12
N SER B 152 -25.14 -32.42 -10.33
CA SER B 152 -25.35 -33.66 -11.09
C SER B 152 -25.08 -33.59 -12.59
N LYS B 153 -24.83 -32.40 -13.15
CA LYS B 153 -24.45 -32.30 -14.57
C LYS B 153 -22.95 -32.24 -14.75
N LYS B 154 -22.52 -32.56 -15.96
CA LYS B 154 -21.10 -32.76 -16.22
C LYS B 154 -20.29 -31.54 -15.84
N GLY B 155 -20.88 -30.35 -15.94
CA GLY B 155 -20.24 -29.12 -15.52
C GLY B 155 -21.25 -28.01 -15.19
N PHE B 156 -20.75 -26.76 -15.12
CA PHE B 156 -21.59 -25.62 -14.78
C PHE B 156 -21.00 -24.25 -15.11
N TYR B 157 -21.87 -23.24 -15.09
CA TYR B 157 -21.50 -21.87 -15.37
C TYR B 157 -21.73 -21.09 -14.12
N LEU B 158 -20.93 -20.06 -13.88
CA LEU B 158 -21.13 -19.14 -12.76
C LEU B 158 -21.36 -17.79 -13.35
N ALA B 159 -22.17 -17.00 -12.68
CA ALA B 159 -22.54 -15.73 -13.21
C ALA B 159 -22.56 -14.73 -12.12
N PHE B 160 -22.32 -13.47 -12.47
CA PHE B 160 -22.40 -12.42 -11.47
C PHE B 160 -23.32 -11.35 -12.00
N GLN B 161 -24.10 -10.77 -11.11
CA GLN B 161 -25.02 -9.72 -11.45
C GLN B 161 -24.76 -8.51 -10.62
N ASP B 162 -24.65 -7.38 -11.28
CA ASP B 162 -24.47 -6.12 -10.62
C ASP B 162 -25.70 -5.33 -10.92
N VAL B 163 -26.22 -4.64 -9.91
CA VAL B 163 -27.41 -3.82 -10.02
C VAL B 163 -27.18 -2.40 -9.52
N GLY B 164 -25.94 -1.95 -9.58
CA GLY B 164 -25.61 -0.54 -9.34
C GLY B 164 -24.49 -0.28 -8.36
N ALA B 165 -23.45 -1.11 -8.37
CA ALA B 165 -22.32 -0.93 -7.46
C ALA B 165 -21.02 -0.75 -8.22
N CYS B 166 -20.05 -0.21 -7.47
CA CYS B 166 -18.74 0.03 -7.99
C CYS B 166 -17.84 -1.12 -7.60
N ILE B 167 -17.92 -2.17 -8.41
CA ILE B 167 -17.37 -3.47 -8.06
C ILE B 167 -16.23 -3.85 -8.99
N ALA B 168 -15.11 -4.33 -8.42
CA ALA B 168 -14.02 -4.96 -9.17
C ALA B 168 -13.77 -6.40 -8.71
N LEU B 169 -14.19 -7.40 -9.51
CA LEU B 169 -13.93 -8.80 -9.21
C LEU B 169 -12.50 -9.11 -9.55
N VAL B 170 -11.61 -9.12 -8.55
CA VAL B 170 -10.19 -9.25 -8.86
C VAL B 170 -9.74 -10.68 -9.07
N SER B 171 -10.29 -11.63 -8.31
CA SER B 171 -9.92 -13.04 -8.53
C SER B 171 -11.13 -13.92 -8.31
N VAL B 172 -11.21 -15.04 -9.02
CA VAL B 172 -12.30 -16.02 -8.90
C VAL B 172 -11.61 -17.37 -8.97
N ARG B 173 -11.77 -18.18 -7.94
CA ARG B 173 -11.22 -19.51 -7.96
C ARG B 173 -12.32 -20.48 -7.69
N VAL B 174 -12.34 -21.60 -8.40
CA VAL B 174 -13.31 -22.65 -8.12
C VAL B 174 -12.62 -23.99 -7.93
N PHE B 175 -12.91 -24.62 -6.80
CA PHE B 175 -12.29 -25.88 -6.41
C PHE B 175 -13.23 -26.86 -5.71
N TYR B 176 -12.75 -28.09 -5.55
CA TYR B 176 -13.39 -29.08 -4.66
C TYR B 176 -12.32 -29.76 -3.83
N LYS B 177 -12.79 -30.54 -2.85
CA LYS B 177 -11.98 -31.30 -1.92
C LYS B 177 -11.95 -32.78 -2.33
N LYS B 178 -10.75 -33.35 -2.42
CA LYS B 178 -10.59 -34.73 -2.91
C LYS B 178 -11.02 -35.78 -1.87
N ALA B 179 -10.42 -35.74 -0.68
CA ALA B 179 -10.72 -36.74 0.37
C ALA B 179 -11.82 -36.22 1.33
N GLY C 3 -27.66 -14.88 8.51
CA GLY C 3 -28.96 -14.62 7.82
C GLY C 3 -29.53 -15.85 7.15
N ASN C 4 -28.64 -16.65 6.57
CA ASN C 4 -28.98 -17.98 6.07
C ASN C 4 -28.33 -19.01 7.03
N GLU C 5 -27.56 -18.50 7.96
CA GLU C 5 -26.76 -19.33 8.83
C GLU C 5 -27.47 -19.51 10.16
N VAL C 6 -27.49 -20.74 10.65
CA VAL C 6 -27.95 -21.04 12.01
C VAL C 6 -26.75 -21.42 12.87
N THR C 7 -26.53 -20.68 13.94
CA THR C 7 -25.37 -20.87 14.81
C THR C 7 -25.59 -22.01 15.78
N LEU C 8 -24.60 -22.93 15.83
CA LEU C 8 -24.61 -24.08 16.70
C LEU C 8 -23.69 -23.83 17.90
N LEU C 9 -22.58 -23.14 17.67
CA LEU C 9 -21.65 -22.70 18.75
C LEU C 9 -21.02 -21.38 18.33
N ASP C 10 -20.83 -20.51 19.31
CA ASP C 10 -20.09 -19.25 19.13
C ASP C 10 -19.47 -18.87 20.47
N SER C 11 -18.15 -18.99 20.60
CA SER C 11 -17.47 -18.63 21.84
C SER C 11 -17.63 -17.15 22.21
N ARG C 12 -17.61 -16.27 21.22
CA ARG C 12 -17.81 -14.82 21.47
C ARG C 12 -19.02 -14.46 22.37
N SER C 13 -20.12 -15.23 22.25
CA SER C 13 -21.39 -14.92 22.93
C SER C 13 -21.59 -15.67 24.27
N VAL C 14 -20.58 -16.40 24.72
CA VAL C 14 -20.64 -17.07 26.00
C VAL C 14 -20.40 -16.05 27.11
N GLN C 15 -21.25 -16.13 28.13
CA GLN C 15 -21.06 -15.44 29.39
C GLN C 15 -20.20 -16.33 30.28
N GLY C 16 -19.24 -15.74 30.99
CA GLY C 16 -18.29 -16.50 31.81
C GLY C 16 -17.21 -17.24 31.03
N GLU C 17 -16.43 -18.04 31.77
CA GLU C 17 -15.43 -18.92 31.16
C GLU C 17 -16.09 -19.92 30.23
N LEU C 18 -15.30 -20.45 29.31
CA LEU C 18 -15.75 -21.45 28.38
C LEU C 18 -15.80 -22.85 28.98
N GLY C 19 -14.82 -23.19 29.82
CA GLY C 19 -14.73 -24.50 30.46
C GLY C 19 -14.78 -25.66 29.48
N TRP C 20 -13.93 -25.64 28.48
CA TRP C 20 -13.78 -26.78 27.58
C TRP C 20 -12.74 -27.68 28.18
N ILE C 21 -12.67 -28.93 27.70
CA ILE C 21 -11.75 -29.90 28.23
C ILE C 21 -10.43 -29.86 27.51
N ALA C 22 -9.39 -29.52 28.27
CA ALA C 22 -7.99 -29.52 27.81
C ALA C 22 -7.27 -30.71 28.40
N SER C 23 -6.45 -31.35 27.57
CA SER C 23 -5.57 -32.42 27.98
C SER C 23 -4.14 -32.17 27.43
N PRO C 24 -3.14 -31.91 28.31
CA PRO C 24 -3.19 -31.81 29.77
C PRO C 24 -4.10 -30.70 30.27
N LEU C 25 -4.53 -30.85 31.51
CA LEU C 25 -5.50 -29.95 32.11
C LEU C 25 -4.89 -28.60 32.52
N GLU C 26 -3.59 -28.58 32.75
CA GLU C 26 -2.88 -27.32 32.83
C GLU C 26 -1.58 -27.42 32.07
N GLY C 27 -1.00 -26.26 31.77
CA GLY C 27 0.24 -26.22 31.04
C GLY C 27 0.12 -26.59 29.58
N GLY C 28 -1.10 -26.72 29.06
CA GLY C 28 -1.29 -26.86 27.61
C GLY C 28 -2.09 -25.70 27.10
N TRP C 29 -3.26 -25.98 26.52
CA TRP C 29 -4.20 -24.92 26.19
C TRP C 29 -4.73 -24.31 27.48
N GLU C 30 -4.67 -22.99 27.64
CA GLU C 30 -5.25 -22.28 28.80
C GLU C 30 -6.18 -21.13 28.36
N GLU C 31 -7.13 -20.74 29.21
CA GLU C 31 -7.97 -19.56 28.94
C GLU C 31 -7.23 -18.25 29.23
N VAL C 32 -7.31 -17.32 28.28
CA VAL C 32 -6.81 -15.96 28.42
C VAL C 32 -7.88 -14.98 27.98
N SER C 33 -8.32 -14.13 28.90
CA SER C 33 -9.27 -13.07 28.58
C SER C 33 -8.58 -11.91 27.88
N ILE C 34 -9.17 -11.44 26.80
CA ILE C 34 -8.76 -10.18 26.17
C ILE C 34 -9.91 -9.22 26.35
N MET C 35 -9.60 -8.03 26.88
CA MET C 35 -10.62 -7.03 27.16
C MET C 35 -10.97 -6.27 25.89
N ASP C 36 -12.13 -5.61 25.92
CA ASP C 36 -12.78 -5.13 24.70
C ASP C 36 -13.02 -3.64 24.81
N GLU C 37 -13.35 -3.01 23.67
CA GLU C 37 -13.64 -1.57 23.56
C GLU C 37 -14.56 -1.04 24.67
N LYS C 38 -15.50 -1.86 25.12
CA LYS C 38 -16.29 -1.59 26.33
C LYS C 38 -16.08 -2.71 27.36
N ASN C 39 -14.81 -3.01 27.61
CA ASN C 39 -14.35 -3.80 28.77
C ASN C 39 -14.99 -5.17 29.05
N THR C 40 -15.62 -5.80 28.07
CA THR C 40 -16.18 -7.15 28.27
C THR C 40 -15.21 -8.21 27.68
N PRO C 41 -15.05 -9.36 28.36
CA PRO C 41 -13.99 -10.27 27.92
C PRO C 41 -14.13 -10.79 26.50
N ILE C 42 -13.02 -11.29 25.97
CA ILE C 42 -13.02 -12.19 24.84
C ILE C 42 -12.27 -13.42 25.34
N ARG C 43 -12.96 -14.55 25.38
CA ARG C 43 -12.38 -15.78 25.91
C ARG C 43 -11.56 -16.45 24.83
N THR C 44 -10.25 -16.44 24.99
CA THR C 44 -9.35 -17.07 24.04
C THR C 44 -8.79 -18.31 24.67
N TYR C 45 -8.37 -19.24 23.82
CA TYR C 45 -7.53 -20.36 24.25
C TYR C 45 -6.18 -20.26 23.56
N GLN C 46 -5.11 -20.50 24.33
CA GLN C 46 -3.75 -20.35 23.83
C GLN C 46 -2.81 -21.42 24.35
N VAL C 47 -1.79 -21.71 23.54
CA VAL C 47 -0.72 -22.59 23.98
C VAL C 47 0.54 -22.19 23.24
N CYS C 48 1.68 -22.26 23.92
CA CYS C 48 2.94 -21.80 23.34
C CYS C 48 4.16 -22.37 24.07
N ASN C 49 4.20 -23.70 24.15
CA ASN C 49 5.37 -24.40 24.66
C ASN C 49 6.23 -24.80 23.49
N VAL C 50 6.70 -23.79 22.78
CA VAL C 50 7.47 -24.03 21.56
C VAL C 50 8.87 -24.59 21.80
N MET C 51 9.46 -24.28 22.95
CA MET C 51 10.83 -24.73 23.29
C MET C 51 10.84 -26.21 23.68
N GLU C 52 9.72 -26.69 24.22
CA GLU C 52 9.59 -28.09 24.64
C GLU C 52 9.46 -28.96 23.41
N PRO C 53 9.94 -30.21 23.49
CA PRO C 53 9.67 -31.15 22.42
C PRO C 53 8.50 -32.05 22.79
N SER C 54 8.17 -32.95 21.87
CA SER C 54 7.08 -33.93 22.01
C SER C 54 5.71 -33.36 22.48
N GLN C 55 5.46 -32.09 22.20
CA GLN C 55 4.17 -31.48 22.51
C GLN C 55 3.00 -32.19 21.82
N ASN C 56 1.93 -32.38 22.57
CA ASN C 56 0.68 -32.94 22.05
C ASN C 56 -0.43 -32.50 22.97
N ASN C 57 -0.97 -31.34 22.69
CA ASN C 57 -1.93 -30.68 23.57
C ASN C 57 -3.32 -30.62 22.93
N TRP C 58 -4.31 -31.21 23.61
CA TRP C 58 -5.64 -31.24 23.04
C TRP C 58 -6.58 -30.31 23.79
N LEU C 59 -7.53 -29.76 23.06
CA LEU C 59 -8.60 -28.98 23.65
C LEU C 59 -9.86 -29.43 22.94
N ARG C 60 -10.95 -29.54 23.69
CA ARG C 60 -12.23 -29.85 23.04
C ARG C 60 -13.41 -29.16 23.65
N THR C 61 -14.37 -28.91 22.78
CA THR C 61 -15.66 -28.39 23.17
C THR C 61 -16.43 -29.43 23.96
N ASP C 62 -17.54 -28.98 24.54
CA ASP C 62 -18.59 -29.86 25.00
C ASP C 62 -19.38 -30.31 23.78
N TRP C 63 -20.45 -31.07 24.02
CA TRP C 63 -21.25 -31.60 22.95
C TRP C 63 -21.90 -30.45 22.16
N ILE C 64 -21.76 -30.52 20.84
CA ILE C 64 -22.47 -29.61 19.99
C ILE C 64 -23.55 -30.40 19.26
N THR C 65 -24.79 -29.99 19.45
CA THR C 65 -25.87 -30.56 18.67
C THR C 65 -25.76 -30.11 17.22
N ARG C 66 -26.17 -30.98 16.31
CA ARG C 66 -26.17 -30.58 14.88
C ARG C 66 -27.57 -30.22 14.39
N GLU C 67 -28.59 -30.42 15.23
CA GLU C 67 -29.99 -30.24 14.80
C GLU C 67 -30.28 -31.08 13.56
N GLY C 68 -30.86 -30.50 12.53
CA GLY C 68 -31.11 -31.32 11.33
C GLY C 68 -29.87 -31.47 10.47
N ALA C 69 -28.97 -30.51 10.59
CA ALA C 69 -27.88 -30.28 9.63
C ALA C 69 -27.18 -31.55 9.16
N GLN C 70 -26.95 -31.64 7.84
CA GLN C 70 -26.13 -32.68 7.22
C GLN C 70 -24.64 -32.24 7.07
N ARG C 71 -24.38 -30.94 7.10
CA ARG C 71 -23.09 -30.39 6.85
C ARG C 71 -22.99 -29.24 7.76
N VAL C 72 -21.87 -29.12 8.48
CA VAL C 72 -21.69 -28.01 9.39
C VAL C 72 -20.41 -27.32 9.03
N TYR C 73 -20.35 -26.04 9.36
CA TYR C 73 -19.27 -25.17 8.95
C TYR C 73 -18.63 -24.65 10.21
N ILE C 74 -17.30 -24.66 10.26
CA ILE C 74 -16.55 -24.29 11.43
C ILE C 74 -15.63 -23.14 11.09
N GLU C 75 -15.78 -22.02 11.76
CA GLU C 75 -15.00 -20.82 11.45
C GLU C 75 -14.14 -20.44 12.65
N ILE C 76 -12.83 -20.47 12.43
CA ILE C 76 -11.86 -20.14 13.46
C ILE C 76 -11.17 -18.80 13.15
N LYS C 77 -11.11 -17.90 14.13
CA LYS C 77 -10.26 -16.73 14.07
C LYS C 77 -9.11 -16.96 15.05
N PHE C 78 -7.89 -17.06 14.54
CA PHE C 78 -6.73 -17.35 15.36
C PHE C 78 -5.53 -16.49 14.99
N THR C 79 -4.49 -16.61 15.81
CA THR C 79 -3.19 -16.11 15.43
C THR C 79 -2.10 -17.02 15.88
N LEU C 80 -1.13 -17.23 14.99
CA LEU C 80 0.08 -17.97 15.30
C LEU C 80 1.23 -17.01 15.33
N ARG C 81 2.34 -17.44 15.91
CA ARG C 81 3.60 -16.76 15.73
C ARG C 81 4.45 -17.67 14.86
N ASP C 82 5.05 -17.11 13.81
CA ASP C 82 5.95 -17.87 12.93
C ASP C 82 7.20 -18.21 13.71
N CYS C 83 7.84 -19.31 13.33
CA CYS C 83 8.90 -19.89 14.14
C CYS C 83 10.16 -19.04 14.08
N ASN C 84 10.57 -18.69 12.87
CA ASN C 84 11.79 -17.90 12.64
C ASN C 84 11.75 -16.51 13.30
N SER C 85 10.55 -16.05 13.62
CA SER C 85 10.37 -14.83 14.38
C SER C 85 10.81 -15.02 15.83
N LEU C 86 10.45 -16.17 16.41
CA LEU C 86 10.72 -16.46 17.84
C LEU C 86 12.20 -16.66 18.17
N PRO C 87 12.85 -15.66 18.83
CA PRO C 87 14.28 -15.83 19.08
C PRO C 87 14.55 -16.96 20.10
N GLY C 88 15.62 -17.71 19.88
CA GLY C 88 15.99 -18.81 20.76
C GLY C 88 15.54 -20.16 20.24
N VAL C 89 14.24 -20.41 20.27
CA VAL C 89 13.67 -21.70 19.81
C VAL C 89 14.09 -22.05 18.37
N MET C 90 14.42 -23.32 18.14
CA MET C 90 14.82 -23.80 16.81
C MET C 90 13.92 -25.01 16.39
N GLY C 91 14.50 -26.18 16.16
CA GLY C 91 13.81 -27.31 15.49
C GLY C 91 12.59 -27.92 16.16
N THR C 92 12.35 -27.58 17.41
CA THR C 92 11.14 -27.99 18.12
C THR C 92 9.85 -27.38 17.54
N CYS C 93 9.96 -26.22 16.87
CA CYS C 93 8.78 -25.36 16.59
C CYS C 93 7.90 -25.78 15.39
N LYS C 94 6.63 -25.39 15.47
CA LYS C 94 5.62 -25.69 14.45
C LYS C 94 4.90 -24.43 14.08
N GLU C 95 4.41 -24.36 12.84
CA GLU C 95 3.61 -23.22 12.38
C GLU C 95 2.14 -23.63 12.09
N THR C 96 1.71 -24.78 12.59
CA THR C 96 0.33 -25.28 12.39
C THR C 96 -0.25 -26.02 13.61
N PHE C 97 -1.58 -26.12 13.64
CA PHE C 97 -2.29 -26.98 14.56
C PHE C 97 -3.31 -27.82 13.77
N ASN C 98 -3.74 -28.95 14.34
CA ASN C 98 -4.71 -29.81 13.67
C ASN C 98 -6.13 -29.64 14.24
N LEU C 99 -7.13 -29.73 13.37
CA LEU C 99 -8.55 -29.64 13.77
C LEU C 99 -9.20 -31.01 13.63
N TYR C 100 -9.99 -31.42 14.62
CA TYR C 100 -10.62 -32.72 14.62
C TYR C 100 -12.11 -32.65 14.98
N TYR C 101 -12.82 -33.74 14.69
CA TYR C 101 -14.17 -33.90 15.20
C TYR C 101 -14.48 -35.37 15.57
N TYR C 102 -15.31 -35.54 16.58
CA TYR C 102 -15.82 -36.83 17.04
C TYR C 102 -17.32 -36.69 17.05
N GLU C 103 -17.98 -37.67 16.44
CA GLU C 103 -19.45 -37.71 16.34
C GLU C 103 -19.98 -38.64 17.41
N SER C 104 -21.00 -38.19 18.13
CA SER C 104 -21.59 -38.99 19.21
C SER C 104 -23.00 -38.58 19.55
N ASP C 105 -23.78 -39.57 19.93
CA ASP C 105 -25.13 -39.38 20.46
C ASP C 105 -25.10 -38.97 21.90
N ASN C 106 -23.98 -39.23 22.54
CA ASN C 106 -23.82 -38.96 23.96
C ASN C 106 -23.32 -37.55 24.12
N ASP C 107 -24.20 -36.71 24.66
CA ASP C 107 -23.88 -35.32 24.94
C ASP C 107 -23.11 -35.14 26.23
N LYS C 108 -23.03 -36.19 27.05
CA LYS C 108 -22.28 -36.09 28.30
C LYS C 108 -21.10 -37.07 28.35
N GLU C 109 -20.21 -36.93 27.37
CA GLU C 109 -19.03 -37.77 27.28
C GLU C 109 -17.97 -37.19 28.20
N ARG C 110 -17.31 -38.05 28.96
CA ARG C 110 -16.47 -37.60 30.08
C ARG C 110 -15.00 -37.59 29.69
N PHE C 111 -14.55 -38.69 29.10
CA PHE C 111 -13.25 -38.74 28.47
C PHE C 111 -13.38 -39.30 27.06
N ILE C 112 -12.78 -38.59 26.11
CA ILE C 112 -12.74 -39.02 24.72
C ILE C 112 -11.29 -39.30 24.36
N ARG C 113 -11.08 -40.46 23.76
CA ARG C 113 -9.74 -40.87 23.40
C ARG C 113 -9.29 -40.17 22.13
N GLU C 114 -8.02 -39.84 22.05
CA GLU C 114 -7.43 -39.30 20.83
C GLU C 114 -7.79 -40.11 19.60
N ASN C 115 -7.71 -41.43 19.70
CA ASN C 115 -7.98 -42.29 18.54
C ASN C 115 -9.43 -42.23 18.08
N GLN C 116 -10.31 -41.65 18.90
CA GLN C 116 -11.73 -41.49 18.53
C GLN C 116 -11.97 -40.26 17.63
N PHE C 117 -11.07 -39.28 17.64
CA PHE C 117 -11.23 -38.07 16.80
C PHE C 117 -10.80 -38.26 15.37
N VAL C 118 -11.55 -37.64 14.46
CA VAL C 118 -11.29 -37.69 13.02
C VAL C 118 -10.88 -36.30 12.57
N LYS C 119 -9.81 -36.28 11.79
CA LYS C 119 -9.12 -35.05 11.42
C LYS C 119 -9.88 -34.36 10.30
N ILE C 120 -10.07 -33.07 10.44
CA ILE C 120 -10.72 -32.27 9.41
C ILE C 120 -9.59 -31.72 8.53
N ASP C 121 -8.72 -30.89 9.09
CA ASP C 121 -7.59 -30.40 8.32
C ASP C 121 -6.36 -30.12 9.21
N THR C 122 -5.25 -29.76 8.58
CA THR C 122 -4.23 -28.98 9.28
C THR C 122 -4.41 -27.47 8.96
N ILE C 123 -4.58 -26.68 9.99
CA ILE C 123 -4.92 -25.28 9.88
C ILE C 123 -3.64 -24.51 10.01
N ALA C 124 -3.33 -23.72 8.98
CA ALA C 124 -2.17 -22.88 8.95
C ALA C 124 -2.60 -21.44 8.78
N ALA C 125 -1.76 -20.51 9.23
CA ALA C 125 -2.01 -19.09 9.05
C ALA C 125 -1.82 -18.78 7.57
N ASP C 126 -2.87 -18.28 6.93
CA ASP C 126 -2.97 -18.35 5.49
C ASP C 126 -3.16 -16.96 4.87
N GLU C 127 -3.63 -16.90 3.63
CA GLU C 127 -3.99 -15.62 3.00
C GLU C 127 -5.06 -14.82 3.81
N SER C 128 -6.01 -15.49 4.45
CA SER C 128 -7.26 -14.83 4.90
C SER C 128 -7.27 -14.26 6.30
N PHE C 129 -7.69 -13.00 6.42
CA PHE C 129 -7.70 -12.27 7.70
C PHE C 129 -9.01 -11.59 7.99
N THR C 130 -9.19 -11.26 9.25
CA THR C 130 -10.26 -10.39 9.71
C THR C 130 -9.65 -9.44 10.72
N GLN C 131 -10.33 -8.32 11.02
CA GLN C 131 -9.86 -7.33 12.01
C GLN C 131 -10.92 -7.01 13.07
N VAL C 132 -10.59 -7.23 14.34
CA VAL C 132 -11.49 -6.90 15.46
C VAL C 132 -11.02 -5.66 16.25
N ASP C 133 -11.87 -4.64 16.33
CA ASP C 133 -11.54 -3.42 17.08
C ASP C 133 -11.91 -3.59 18.56
N ILE C 134 -10.90 -3.49 19.44
CA ILE C 134 -11.09 -3.52 20.90
C ILE C 134 -10.69 -2.17 21.53
N GLY C 135 -10.93 -1.08 20.80
CA GLY C 135 -10.70 0.28 21.32
C GLY C 135 -9.25 0.70 21.29
N ASP C 136 -8.44 0.09 22.16
CA ASP C 136 -7.00 0.34 22.16
C ASP C 136 -6.39 0.01 20.81
N ARG C 137 -6.73 -1.17 20.29
CA ARG C 137 -6.04 -1.78 19.16
C ARG C 137 -7.05 -2.38 18.20
N ILE C 138 -6.50 -2.89 17.10
CA ILE C 138 -7.20 -3.73 16.18
C ILE C 138 -6.47 -5.06 16.21
N MET C 139 -7.19 -6.14 16.34
CA MET C 139 -6.56 -7.43 16.29
C MET C 139 -6.65 -7.89 14.86
N LYS C 140 -5.50 -8.16 14.26
CA LYS C 140 -5.51 -8.70 12.95
C LYS C 140 -5.42 -10.22 13.08
N LEU C 141 -6.48 -10.89 12.69
CA LEU C 141 -6.60 -12.32 12.98
C LEU C 141 -6.77 -13.10 11.71
N ASN C 142 -6.03 -14.18 11.56
CA ASN C 142 -6.32 -15.14 10.50
C ASN C 142 -7.76 -15.65 10.68
N THR C 143 -8.47 -15.92 9.59
CA THR C 143 -9.81 -16.57 9.65
C THR C 143 -9.84 -17.73 8.68
N GLU C 144 -10.13 -18.92 9.19
CA GLU C 144 -10.31 -20.07 8.34
C GLU C 144 -11.66 -20.71 8.58
N ILE C 145 -12.20 -21.35 7.56
CA ILE C 145 -13.52 -21.95 7.65
C ILE C 145 -13.36 -23.36 7.10
N ARG C 146 -13.98 -24.36 7.74
CA ARG C 146 -13.96 -25.73 7.21
C ARG C 146 -15.33 -26.32 7.30
N ASP C 147 -15.63 -27.33 6.49
CA ASP C 147 -16.94 -27.95 6.58
C ASP C 147 -16.90 -29.46 6.72
N VAL C 148 -17.79 -29.97 7.53
CA VAL C 148 -17.82 -31.38 7.73
C VAL C 148 -19.15 -31.95 7.30
N GLY C 149 -19.11 -33.08 6.61
CA GLY C 149 -20.31 -33.86 6.38
C GLY C 149 -20.06 -34.98 5.40
N PRO C 150 -21.10 -35.79 5.12
CA PRO C 150 -22.44 -35.69 5.77
C PRO C 150 -22.44 -36.38 7.14
N LEU C 151 -23.24 -35.83 8.08
CA LEU C 151 -23.23 -36.19 9.50
C LEU C 151 -24.37 -37.15 9.87
N SER C 152 -24.17 -38.00 10.87
CA SER C 152 -25.18 -39.02 11.22
C SER C 152 -25.45 -39.28 12.70
N LYS C 153 -24.84 -38.53 13.60
CA LYS C 153 -25.07 -38.67 15.03
C LYS C 153 -25.84 -37.47 15.47
N LYS C 154 -26.37 -37.45 16.68
CA LYS C 154 -27.20 -36.36 17.10
C LYS C 154 -26.37 -35.09 17.27
N GLY C 155 -25.07 -35.26 17.57
CA GLY C 155 -24.19 -34.15 17.81
C GLY C 155 -22.76 -34.58 17.67
N PHE C 156 -21.84 -33.69 18.05
CA PHE C 156 -20.45 -33.95 17.90
C PHE C 156 -19.64 -33.03 18.82
N TYR C 157 -18.33 -33.32 18.90
CA TYR C 157 -17.36 -32.58 19.70
C TYR C 157 -16.28 -32.12 18.75
N LEU C 158 -15.78 -30.90 18.99
CA LEU C 158 -14.65 -30.38 18.24
C LEU C 158 -13.42 -30.38 19.13
N ALA C 159 -12.29 -30.64 18.50
CA ALA C 159 -11.01 -30.71 19.18
C ALA C 159 -9.91 -30.06 18.35
N PHE C 160 -9.01 -29.38 19.04
CA PHE C 160 -7.79 -28.80 18.48
C PHE C 160 -6.59 -29.45 19.14
N GLN C 161 -5.66 -29.93 18.32
CA GLN C 161 -4.40 -30.46 18.79
C GLN C 161 -3.28 -29.51 18.38
N ASP C 162 -2.55 -29.00 19.39
CA ASP C 162 -1.29 -28.30 19.22
C ASP C 162 -0.17 -29.35 19.24
N VAL C 163 0.84 -29.20 18.41
CA VAL C 163 2.01 -30.11 18.47
C VAL C 163 3.32 -29.32 18.65
N GLY C 164 3.24 -28.25 19.44
CA GLY C 164 4.31 -27.29 19.62
C GLY C 164 4.22 -26.04 18.78
N ALA C 165 3.02 -25.50 18.57
CA ALA C 165 2.91 -24.19 17.90
C ALA C 165 2.69 -23.08 18.95
N CYS C 166 2.82 -21.83 18.55
CA CYS C 166 2.50 -20.70 19.42
C CYS C 166 1.26 -20.02 18.89
N ILE C 167 0.11 -20.43 19.41
CA ILE C 167 -1.18 -20.27 18.76
C ILE C 167 -2.21 -19.68 19.71
N ALA C 168 -3.05 -18.77 19.24
CA ALA C 168 -4.15 -18.28 20.05
C ALA C 168 -5.45 -18.42 19.28
N LEU C 169 -6.37 -19.23 19.80
CA LEU C 169 -7.74 -19.30 19.24
C LEU C 169 -8.59 -18.27 19.93
N VAL C 170 -8.99 -17.27 19.16
CA VAL C 170 -9.64 -16.10 19.68
C VAL C 170 -11.14 -16.23 19.58
N SER C 171 -11.61 -16.95 18.57
CA SER C 171 -13.04 -17.09 18.31
C SER C 171 -13.29 -18.42 17.61
N VAL C 172 -14.30 -19.17 18.06
CA VAL C 172 -14.76 -20.40 17.34
C VAL C 172 -16.27 -20.29 17.08
N ARG C 173 -16.67 -20.32 15.83
CA ARG C 173 -18.11 -20.38 15.48
C ARG C 173 -18.42 -21.64 14.66
N VAL C 174 -19.48 -22.34 14.99
CA VAL C 174 -19.95 -23.49 14.20
C VAL C 174 -21.37 -23.19 13.71
N PHE C 175 -21.65 -23.42 12.44
CA PHE C 175 -22.98 -23.10 11.96
C PHE C 175 -23.42 -24.02 10.85
N TYR C 176 -24.70 -23.95 10.49
CA TYR C 176 -25.18 -24.67 9.32
C TYR C 176 -26.03 -23.76 8.48
N LYS C 177 -26.54 -24.28 7.38
CA LYS C 177 -27.39 -23.46 6.51
C LYS C 177 -28.81 -23.98 6.43
N LYS C 178 -29.74 -23.04 6.37
CA LYS C 178 -31.16 -23.35 6.15
C LYS C 178 -31.35 -23.71 4.67
N ALA C 179 -31.99 -24.83 4.37
N GLY D 3 22.57 4.69 -8.96
CA GLY D 3 22.46 3.26 -9.43
C GLY D 3 21.00 2.80 -9.58
N ASN D 4 20.13 3.36 -8.74
CA ASN D 4 18.78 2.84 -8.60
C ASN D 4 17.82 3.39 -9.64
N GLU D 5 18.10 4.58 -10.15
CA GLU D 5 17.18 5.21 -11.08
C GLU D 5 17.37 4.65 -12.47
N VAL D 6 16.29 4.58 -13.23
CA VAL D 6 16.31 4.11 -14.60
C VAL D 6 15.62 5.22 -15.39
N THR D 7 16.38 5.88 -16.26
CA THR D 7 15.84 7.02 -16.97
C THR D 7 14.87 6.57 -18.05
N LEU D 8 13.69 7.18 -18.06
CA LEU D 8 12.74 6.93 -19.14
C LEU D 8 12.82 8.04 -20.23
N LEU D 9 13.11 9.25 -19.82
CA LEU D 9 13.25 10.39 -20.73
C LEU D 9 14.13 11.39 -20.00
N ASP D 10 15.06 12.00 -20.71
CA ASP D 10 15.82 13.14 -20.19
C ASP D 10 15.86 14.23 -21.26
N SER D 11 15.22 15.34 -20.99
CA SER D 11 15.22 16.43 -21.95
C SER D 11 16.67 16.83 -22.23
N ARG D 12 17.48 16.92 -21.18
CA ARG D 12 18.89 17.33 -21.27
C ARG D 12 19.77 16.51 -22.20
N SER D 13 19.47 15.23 -22.36
CA SER D 13 20.37 14.31 -23.07
C SER D 13 19.91 14.03 -24.50
N VAL D 14 19.11 14.94 -25.04
CA VAL D 14 18.56 14.76 -26.38
C VAL D 14 19.50 15.40 -27.40
N GLN D 15 19.87 14.64 -28.44
CA GLN D 15 20.63 15.18 -29.55
C GLN D 15 19.69 15.90 -30.47
N GLY D 16 19.89 17.22 -30.56
CA GLY D 16 19.10 18.06 -31.45
C GLY D 16 17.84 18.59 -30.82
N GLU D 17 16.94 19.03 -31.69
CA GLU D 17 15.61 19.53 -31.35
C GLU D 17 14.74 18.44 -30.71
N LEU D 18 13.96 18.85 -29.71
CA LEU D 18 13.07 17.99 -28.93
C LEU D 18 11.84 17.55 -29.71
N GLY D 19 11.34 18.45 -30.54
CA GLY D 19 10.18 18.20 -31.37
C GLY D 19 8.92 17.80 -30.59
N TRP D 20 8.75 18.35 -29.39
CA TRP D 20 7.50 18.14 -28.66
C TRP D 20 6.42 18.97 -29.33
N ILE D 21 5.20 18.45 -29.23
CA ILE D 21 4.07 18.96 -29.96
C ILE D 21 3.47 20.05 -29.11
N ALA D 22 3.22 21.20 -29.73
CA ALA D 22 2.59 22.31 -29.05
C ALA D 22 1.21 22.60 -29.63
N SER D 23 0.27 22.90 -28.73
CA SER D 23 -1.00 23.52 -29.07
C SER D 23 -1.23 24.68 -28.08
N PRO D 24 -1.20 25.94 -28.55
CA PRO D 24 -1.07 26.34 -29.97
C PRO D 24 0.33 26.13 -30.57
N LEU D 25 0.38 25.86 -31.88
CA LEU D 25 1.66 25.60 -32.57
C LEU D 25 2.56 26.84 -32.68
N GLU D 26 1.97 28.02 -32.61
CA GLU D 26 2.73 29.27 -32.68
C GLU D 26 2.29 30.26 -31.61
N GLY D 27 3.24 31.06 -31.16
CA GLY D 27 2.97 32.07 -30.16
C GLY D 27 3.05 31.54 -28.75
N GLY D 28 2.74 30.24 -28.57
CA GLY D 28 2.63 29.63 -27.24
C GLY D 28 3.95 29.09 -26.72
N TRP D 29 4.00 27.78 -26.49
CA TRP D 29 5.23 27.14 -26.01
C TRP D 29 6.23 27.11 -27.18
N GLU D 30 7.40 27.69 -26.97
CA GLU D 30 8.38 27.75 -28.05
C GLU D 30 9.68 27.15 -27.55
N GLU D 31 10.33 26.42 -28.45
CA GLU D 31 11.64 25.87 -28.18
C GLU D 31 12.63 27.00 -28.04
N VAL D 32 13.54 26.89 -27.07
CA VAL D 32 14.62 27.86 -26.91
C VAL D 32 15.85 27.16 -26.35
N SER D 33 16.94 27.19 -27.09
CA SER D 33 18.20 26.64 -26.62
C SER D 33 18.93 27.64 -25.72
N ILE D 34 19.68 27.11 -24.76
CA ILE D 34 20.56 27.92 -23.91
C ILE D 34 21.95 27.30 -23.97
N MET D 35 22.97 28.10 -24.28
CA MET D 35 24.30 27.57 -24.56
C MET D 35 24.99 27.09 -23.29
N ASP D 36 25.80 26.04 -23.40
CA ASP D 36 26.44 25.39 -22.24
C ASP D 36 27.84 25.96 -21.96
N GLU D 37 28.71 25.17 -21.33
CA GLU D 37 30.16 25.47 -21.25
C GLU D 37 30.80 25.18 -22.59
N LYS D 38 30.37 24.08 -23.22
CA LYS D 38 30.80 23.74 -24.56
C LYS D 38 30.20 24.70 -25.60
N ASN D 39 29.17 25.45 -25.18
CA ASN D 39 28.24 26.15 -26.08
C ASN D 39 27.15 25.14 -26.51
N THR D 40 27.12 23.97 -25.87
CA THR D 40 26.18 22.89 -26.21
C THR D 40 24.74 23.21 -25.77
N PRO D 41 23.76 23.06 -26.69
CA PRO D 41 22.47 23.61 -26.30
C PRO D 41 21.71 22.80 -25.23
N ILE D 42 21.11 23.53 -24.28
CA ILE D 42 20.12 22.99 -23.38
C ILE D 42 18.77 23.36 -23.98
N ARG D 43 18.08 22.37 -24.53
CA ARG D 43 16.78 22.62 -25.18
C ARG D 43 15.73 22.90 -24.13
N THR D 44 15.31 24.15 -23.99
CA THR D 44 14.23 24.51 -23.09
C THR D 44 12.95 24.75 -23.89
N TYR D 45 11.87 25.07 -23.18
CA TYR D 45 10.61 25.46 -23.79
C TYR D 45 10.08 26.59 -22.94
N GLN D 46 9.70 27.70 -23.56
CA GLN D 46 9.31 28.90 -22.82
C GLN D 46 8.03 29.50 -23.36
N VAL D 47 7.46 30.39 -22.57
CA VAL D 47 6.20 31.03 -22.92
C VAL D 47 5.88 32.10 -21.90
N CYS D 48 5.65 33.31 -22.39
CA CYS D 48 5.46 34.47 -21.55
C CYS D 48 4.54 35.44 -22.30
N ASN D 49 3.32 34.99 -22.56
CA ASN D 49 2.28 35.83 -23.13
C ASN D 49 1.45 36.44 -22.01
N VAL D 50 2.11 37.15 -21.11
CA VAL D 50 1.45 37.70 -19.92
C VAL D 50 0.58 38.91 -20.19
N MET D 51 0.76 39.53 -21.34
CA MET D 51 -0.02 40.69 -21.75
C MET D 51 -1.32 40.29 -22.46
N GLU D 52 -1.50 38.98 -22.69
CA GLU D 52 -2.74 38.50 -23.30
C GLU D 52 -3.80 38.34 -22.24
N PRO D 53 -5.04 38.10 -22.69
CA PRO D 53 -6.08 37.49 -21.87
C PRO D 53 -6.22 35.98 -22.09
N SER D 54 -6.68 35.28 -21.05
CA SER D 54 -7.18 33.90 -21.17
C SER D 54 -6.25 33.02 -21.97
N GLN D 55 -5.16 32.62 -21.33
CA GLN D 55 -4.15 31.79 -21.96
C GLN D 55 -4.48 30.34 -21.75
N ASN D 56 -4.06 29.50 -22.69
CA ASN D 56 -4.32 28.08 -22.64
C ASN D 56 -3.32 27.33 -23.51
N ASN D 57 -2.05 27.47 -23.17
CA ASN D 57 -0.96 26.97 -23.99
C ASN D 57 -0.50 25.63 -23.53
N TRP D 58 -0.68 24.61 -24.38
CA TRP D 58 -0.35 23.22 -24.03
C TRP D 58 0.91 22.76 -24.76
N LEU D 59 1.77 22.04 -24.02
CA LEU D 59 2.95 21.38 -24.60
C LEU D 59 2.91 19.91 -24.18
N ARG D 60 3.29 19.01 -25.07
CA ARG D 60 3.24 17.60 -24.75
C ARG D 60 4.40 16.78 -25.29
N THR D 61 4.82 15.79 -24.48
CA THR D 61 5.92 14.93 -24.84
C THR D 61 5.53 14.02 -25.96
N ASP D 62 6.53 13.39 -26.55
CA ASP D 62 6.32 12.19 -27.31
C ASP D 62 6.11 11.03 -26.30
N TRP D 63 5.71 9.89 -26.85
CA TRP D 63 5.38 8.74 -26.07
C TRP D 63 6.57 8.24 -25.24
N ILE D 64 6.32 8.04 -23.94
CA ILE D 64 7.32 7.54 -23.00
C ILE D 64 6.99 6.14 -22.53
N THR D 65 7.71 5.13 -23.02
CA THR D 65 7.50 3.80 -22.47
C THR D 65 7.70 3.80 -20.94
N ARG D 66 6.91 3.00 -20.23
CA ARG D 66 7.12 2.83 -18.78
C ARG D 66 8.00 1.63 -18.52
N GLU D 67 8.27 0.85 -19.57
CA GLU D 67 9.04 -0.37 -19.46
C GLU D 67 8.33 -1.22 -18.39
N GLY D 68 9.04 -1.79 -17.45
CA GLY D 68 8.34 -2.62 -16.46
C GLY D 68 7.65 -1.84 -15.35
N ALA D 69 7.75 -0.52 -15.36
CA ALA D 69 7.64 0.24 -14.14
C ALA D 69 6.20 0.55 -13.79
N GLN D 70 5.87 0.36 -12.52
CA GLN D 70 4.58 0.63 -11.95
C GLN D 70 4.49 2.05 -11.46
N ARG D 71 5.60 2.65 -11.07
CA ARG D 71 5.57 4.02 -10.56
C ARG D 71 6.63 4.79 -11.33
N VAL D 72 6.34 6.04 -11.67
CA VAL D 72 7.36 6.87 -12.34
C VAL D 72 7.50 8.21 -11.61
N TYR D 73 8.66 8.82 -11.80
CA TYR D 73 8.95 10.06 -11.13
C TYR D 73 9.27 11.16 -12.15
N ILE D 74 8.65 12.31 -11.96
CA ILE D 74 8.84 13.40 -12.89
C ILE D 74 9.64 14.52 -12.23
N GLU D 75 10.82 14.76 -12.75
CA GLU D 75 11.75 15.74 -12.18
C GLU D 75 11.80 16.93 -13.14
N ILE D 76 11.50 18.11 -12.64
CA ILE D 76 11.38 19.27 -13.48
C ILE D 76 12.18 20.42 -12.95
N LYS D 77 13.07 20.96 -13.80
CA LYS D 77 13.74 22.22 -13.46
C LYS D 77 13.22 23.30 -14.36
N PHE D 78 13.03 24.48 -13.76
CA PHE D 78 12.27 25.55 -14.37
C PHE D 78 12.50 26.86 -13.60
N THR D 79 12.08 27.96 -14.23
CA THR D 79 12.13 29.25 -13.60
C THR D 79 11.03 30.15 -14.13
N LEU D 80 10.35 30.80 -13.21
CA LEU D 80 9.33 31.76 -13.53
C LEU D 80 9.86 33.13 -13.20
N ARG D 81 9.53 34.12 -14.03
CA ARG D 81 9.76 35.49 -13.65
C ARG D 81 8.62 35.94 -12.74
N ASP D 82 8.96 36.85 -11.83
CA ASP D 82 8.03 37.33 -10.81
C ASP D 82 7.04 38.29 -11.45
N CYS D 83 5.80 38.28 -10.97
CA CYS D 83 4.76 39.08 -11.60
C CYS D 83 4.84 40.57 -11.22
N ASN D 84 5.43 40.87 -10.06
CA ASN D 84 5.76 42.25 -9.69
C ASN D 84 6.60 42.95 -10.74
N SER D 85 7.42 42.17 -11.43
CA SER D 85 8.40 42.71 -12.37
C SER D 85 7.85 42.88 -13.79
N LEU D 86 6.74 42.20 -14.10
CA LEU D 86 6.14 42.22 -15.43
C LEU D 86 4.96 43.18 -15.51
N PRO D 87 4.60 43.60 -16.73
CA PRO D 87 3.38 44.40 -16.90
C PRO D 87 2.10 43.59 -16.60
N GLY D 88 0.94 44.16 -16.89
CA GLY D 88 -0.32 43.44 -16.78
C GLY D 88 -1.18 43.91 -15.62
N VAL D 89 -2.50 43.89 -15.83
CA VAL D 89 -3.47 44.15 -14.76
C VAL D 89 -3.36 43.05 -13.70
N MET D 90 -3.50 43.42 -12.43
CA MET D 90 -3.25 42.51 -11.30
C MET D 90 -4.10 41.24 -11.42
N GLY D 91 -3.45 40.08 -11.36
CA GLY D 91 -4.16 38.81 -11.48
C GLY D 91 -3.94 38.15 -12.81
N THR D 92 -3.83 38.94 -13.89
CA THR D 92 -3.57 38.37 -15.22
C THR D 92 -2.30 37.54 -15.17
N CYS D 93 -1.29 38.08 -14.50
CA CYS D 93 -0.02 37.39 -14.37
C CYS D 93 -0.09 36.30 -13.28
N LYS D 94 0.28 35.09 -13.66
CA LYS D 94 0.31 33.97 -12.75
C LYS D 94 1.73 33.46 -12.53
N GLU D 95 1.91 32.74 -11.42
CA GLU D 95 3.22 32.19 -11.09
C GLU D 95 3.21 30.67 -10.94
N THR D 96 2.17 30.00 -11.46
CA THR D 96 2.12 28.53 -11.46
C THR D 96 2.06 28.02 -12.88
N PHE D 97 2.07 26.72 -13.03
CA PHE D 97 1.76 26.03 -14.28
C PHE D 97 1.32 24.62 -13.91
N ASN D 98 0.48 24.00 -14.74
CA ASN D 98 -0.09 22.71 -14.42
C ASN D 98 0.59 21.60 -15.20
N LEU D 99 0.79 20.49 -14.50
CA LEU D 99 1.37 19.28 -15.05
C LEU D 99 0.30 18.19 -15.20
N TYR D 100 0.37 17.43 -16.29
CA TYR D 100 -0.64 16.38 -16.58
C TYR D 100 0.04 15.21 -17.19
N TYR D 101 -0.67 14.10 -17.30
CA TYR D 101 -0.20 12.95 -18.07
C TYR D 101 -1.36 12.19 -18.63
N TYR D 102 -1.06 11.21 -19.47
CA TYR D 102 -2.07 10.35 -20.05
C TYR D 102 -1.42 9.06 -20.50
N GLU D 103 -1.92 7.93 -20.00
CA GLU D 103 -1.42 6.61 -20.39
C GLU D 103 -1.98 6.19 -21.72
N SER D 104 -1.21 5.42 -22.46
CA SER D 104 -1.71 4.87 -23.71
C SER D 104 -0.76 3.80 -24.20
N ASP D 105 -1.36 2.80 -24.84
CA ASP D 105 -0.64 1.74 -25.57
C ASP D 105 -0.23 2.19 -26.96
N ASN D 106 -0.72 3.35 -27.37
CA ASN D 106 -0.44 3.93 -28.67
C ASN D 106 0.69 4.96 -28.58
N ASP D 107 1.72 4.73 -29.38
CA ASP D 107 2.95 5.51 -29.36
C ASP D 107 3.00 6.67 -30.40
N LYS D 108 2.09 6.63 -31.37
CA LYS D 108 2.00 7.69 -32.40
C LYS D 108 0.69 8.45 -32.31
N GLU D 109 0.26 8.75 -31.10
CA GLU D 109 -0.88 9.65 -30.89
C GLU D 109 -0.61 10.93 -31.68
N ARG D 110 -1.63 11.41 -32.40
CA ARG D 110 -1.55 12.69 -33.09
C ARG D 110 -2.22 13.80 -32.30
N PHE D 111 -3.47 13.60 -31.91
CA PHE D 111 -4.15 14.60 -31.09
C PHE D 111 -4.81 13.97 -29.88
N ILE D 112 -4.28 14.33 -28.72
CA ILE D 112 -4.86 13.91 -27.46
C ILE D 112 -5.69 15.08 -26.93
N ARG D 113 -6.92 14.79 -26.54
CA ARG D 113 -7.79 15.85 -26.02
C ARG D 113 -7.35 16.32 -24.65
N GLU D 114 -7.63 17.58 -24.36
CA GLU D 114 -7.36 18.16 -23.06
C GLU D 114 -8.09 17.41 -21.94
N ASN D 115 -9.30 16.91 -22.21
CA ASN D 115 -10.05 16.15 -21.22
C ASN D 115 -9.46 14.74 -20.96
N GLN D 116 -8.67 14.25 -21.90
CA GLN D 116 -7.97 12.98 -21.73
C GLN D 116 -6.78 13.06 -20.77
N PHE D 117 -6.24 14.24 -20.57
CA PHE D 117 -5.10 14.38 -19.68
C PHE D 117 -5.56 14.41 -18.24
N VAL D 118 -4.89 13.59 -17.44
CA VAL D 118 -5.09 13.55 -16.01
C VAL D 118 -4.12 14.53 -15.36
N LYS D 119 -4.60 15.32 -14.42
CA LYS D 119 -3.76 16.28 -13.77
C LYS D 119 -2.97 15.63 -12.65
N ILE D 120 -1.65 15.81 -12.69
CA ILE D 120 -0.75 15.35 -11.63
C ILE D 120 -0.74 16.41 -10.53
N ASP D 121 -0.46 17.65 -10.89
CA ASP D 121 -0.46 18.77 -9.94
C ASP D 121 -0.30 20.18 -10.60
N THR D 122 -0.70 21.21 -9.86
CA THR D 122 -0.33 22.59 -10.12
C THR D 122 1.05 22.80 -9.48
N ILE D 123 1.96 23.37 -10.25
CA ILE D 123 3.39 23.43 -9.93
C ILE D 123 3.84 24.89 -9.80
N ALA D 124 4.48 25.21 -8.68
CA ALA D 124 4.94 26.57 -8.44
C ALA D 124 6.37 26.55 -7.93
N ALA D 125 7.01 27.73 -7.97
CA ALA D 125 8.27 27.97 -7.28
C ALA D 125 8.02 27.84 -5.79
N ASP D 126 8.47 26.72 -5.22
CA ASP D 126 8.35 26.47 -3.80
C ASP D 126 9.77 26.56 -3.20
N GLU D 127 10.09 25.73 -2.22
CA GLU D 127 11.25 25.95 -1.37
C GLU D 127 12.57 25.50 -2.01
N SER D 128 12.47 24.75 -3.10
CA SER D 128 13.49 23.82 -3.53
C SER D 128 14.18 24.28 -4.82
N PHE D 129 15.51 24.41 -4.79
CA PHE D 129 16.31 24.93 -5.92
C PHE D 129 17.44 24.01 -6.36
N THR D 130 17.88 24.20 -7.59
CA THR D 130 19.11 23.61 -8.06
C THR D 130 19.92 24.67 -8.78
N GLN D 131 21.23 24.45 -8.88
CA GLN D 131 22.12 25.37 -9.57
C GLN D 131 22.85 24.66 -10.69
N VAL D 132 22.83 25.24 -11.89
CA VAL D 132 23.49 24.60 -13.04
C VAL D 132 24.44 25.59 -13.72
N ASP D 133 25.71 25.19 -13.80
CA ASP D 133 26.79 26.05 -14.22
C ASP D 133 26.96 25.96 -15.73
N ILE D 134 26.33 26.87 -16.46
CA ILE D 134 26.49 26.93 -17.93
C ILE D 134 27.76 27.69 -18.36
N GLY D 135 28.80 27.63 -17.52
CA GLY D 135 30.06 28.31 -17.78
C GLY D 135 29.95 29.76 -17.36
N ASP D 136 29.24 30.53 -18.18
CA ASP D 136 29.05 31.96 -17.95
C ASP D 136 28.48 32.24 -16.57
N ARG D 137 27.28 31.73 -16.38
CA ARG D 137 26.48 32.01 -15.23
C ARG D 137 26.32 30.70 -14.47
N ILE D 138 25.69 30.82 -13.32
CA ILE D 138 25.03 29.71 -12.67
C ILE D 138 23.56 30.06 -12.80
N MET D 139 22.82 29.25 -13.53
CA MET D 139 21.39 29.33 -13.48
C MET D 139 20.92 28.78 -12.14
N LYS D 140 20.01 29.50 -11.48
CA LYS D 140 19.33 29.05 -10.28
C LYS D 140 17.88 28.72 -10.64
N LEU D 141 17.56 27.43 -10.64
CA LEU D 141 16.29 26.91 -11.10
C LEU D 141 15.54 26.25 -9.94
N ASN D 142 14.22 26.39 -9.96
CA ASN D 142 13.38 25.60 -9.08
C ASN D 142 13.35 24.17 -9.58
N THR D 143 13.41 23.20 -8.65
CA THR D 143 13.23 21.80 -8.99
C THR D 143 12.05 21.27 -8.26
N GLU D 144 11.34 20.38 -8.92
CA GLU D 144 10.17 19.82 -8.31
C GLU D 144 10.11 18.43 -8.78
N ILE D 145 9.70 17.53 -7.89
CA ILE D 145 9.52 16.16 -8.27
C ILE D 145 8.13 15.68 -7.92
N ARG D 146 7.54 14.91 -8.82
CA ARG D 146 6.19 14.34 -8.60
C ARG D 146 6.21 12.95 -9.13
N ASP D 147 5.34 12.11 -8.60
CA ASP D 147 5.27 10.71 -9.03
C ASP D 147 3.85 10.26 -9.29
N VAL D 148 3.72 9.19 -10.06
CA VAL D 148 2.41 8.67 -10.43
C VAL D 148 2.41 7.16 -10.61
N GLY D 149 1.26 6.57 -10.37
CA GLY D 149 1.05 5.14 -10.55
C GLY D 149 -0.05 4.66 -9.63
N PRO D 150 -0.37 3.36 -9.68
CA PRO D 150 0.31 2.41 -10.61
C PRO D 150 -0.08 2.65 -12.06
N LEU D 151 0.77 2.22 -12.99
CA LEU D 151 0.46 2.38 -14.41
C LEU D 151 0.02 1.03 -14.96
N SER D 152 -0.83 1.07 -15.97
CA SER D 152 -1.24 -0.10 -16.71
C SER D 152 -0.73 -0.14 -18.18
N LYS D 153 -0.67 1.01 -18.88
CA LYS D 153 -0.47 0.95 -20.32
C LYS D 153 1.03 0.93 -20.68
N LYS D 154 1.33 0.66 -21.96
CA LYS D 154 2.69 0.39 -22.36
C LYS D 154 3.56 1.61 -22.23
N GLY D 155 2.95 2.79 -22.26
CA GLY D 155 3.68 4.04 -22.05
C GLY D 155 2.76 5.18 -21.71
N PHE D 156 3.27 6.43 -21.74
CA PHE D 156 2.46 7.61 -21.42
C PHE D 156 2.99 8.86 -22.09
N TYR D 157 2.25 9.96 -21.90
CA TYR D 157 2.63 11.25 -22.43
C TYR D 157 2.52 12.22 -21.31
N LEU D 158 3.37 13.25 -21.28
CA LEU D 158 3.32 14.30 -20.28
C LEU D 158 2.93 15.55 -20.96
N ALA D 159 2.15 16.37 -20.28
CA ALA D 159 1.74 17.61 -20.87
C ALA D 159 1.87 18.72 -19.84
N PHE D 160 2.17 19.93 -20.29
CA PHE D 160 2.25 21.09 -19.43
C PHE D 160 1.28 22.14 -19.94
N GLN D 161 0.52 22.78 -19.06
CA GLN D 161 -0.37 23.84 -19.42
C GLN D 161 0.02 25.16 -18.76
N ASP D 162 0.04 26.24 -19.56
CA ASP D 162 0.26 27.61 -19.07
C ASP D 162 -1.04 28.37 -19.20
N VAL D 163 -1.42 29.08 -18.15
CA VAL D 163 -2.59 29.95 -18.20
C VAL D 163 -2.20 31.42 -17.99
N GLY D 164 -0.99 31.78 -18.42
CA GLY D 164 -0.53 33.16 -18.35
C GLY D 164 0.60 33.46 -17.40
N ALA D 165 1.54 32.53 -17.29
CA ALA D 165 2.73 32.74 -16.50
C ALA D 165 3.89 33.01 -17.43
N CYS D 166 4.92 33.68 -16.92
CA CYS D 166 6.20 33.80 -17.61
C CYS D 166 7.06 32.66 -17.09
N ILE D 167 7.21 31.62 -17.91
CA ILE D 167 7.77 30.35 -17.47
C ILE D 167 8.73 29.79 -18.52
N ALA D 168 9.84 29.20 -18.05
CA ALA D 168 10.75 28.40 -18.89
C ALA D 168 11.00 27.04 -18.27
N LEU D 169 10.49 26.01 -18.93
CA LEU D 169 10.89 24.65 -18.62
C LEU D 169 12.30 24.41 -19.10
N VAL D 170 13.24 24.34 -18.16
CA VAL D 170 14.64 24.15 -18.54
C VAL D 170 15.01 22.68 -18.65
N SER D 171 14.38 21.85 -17.84
CA SER D 171 14.76 20.44 -17.81
C SER D 171 13.61 19.61 -17.35
N VAL D 172 13.46 18.45 -17.96
CA VAL D 172 12.36 17.59 -17.69
C VAL D 172 12.95 16.22 -17.79
N ARG D 173 12.82 15.45 -16.72
CA ARG D 173 13.44 14.14 -16.67
C ARG D 173 12.46 13.22 -15.99
N VAL D 174 12.34 12.01 -16.53
CA VAL D 174 11.34 11.05 -16.07
C VAL D 174 12.02 9.72 -15.79
N PHE D 175 11.86 9.20 -14.57
CA PHE D 175 12.51 7.90 -14.22
C PHE D 175 11.70 7.01 -13.34
N TYR D 176 12.17 5.78 -13.21
CA TYR D 176 11.64 4.83 -12.26
C TYR D 176 12.74 4.17 -11.52
N LYS D 177 12.36 3.60 -10.38
CA LYS D 177 13.24 3.08 -9.39
C LYS D 177 13.26 1.56 -9.54
N LYS D 178 14.47 1.03 -9.69
CA LYS D 178 14.69 -0.40 -9.73
C LYS D 178 14.70 -0.95 -8.28
N ALA D 179 14.64 -2.26 -8.16
N ALA E 1 33.27 15.39 22.08
CA ALA E 1 32.87 16.73 21.53
C ALA E 1 32.70 16.62 20.02
N PRO E 2 31.66 17.27 19.48
CA PRO E 2 31.66 17.36 18.04
C PRO E 2 32.78 18.31 17.60
N TYR E 3 33.46 17.96 16.50
CA TYR E 3 34.45 18.85 15.89
C TYR E 3 33.77 20.22 15.56
N CYS E 4 32.67 20.21 14.80
CA CYS E 4 31.90 21.45 14.56
C CYS E 4 30.47 21.38 15.04
N VAL E 5 29.85 22.53 15.25
CA VAL E 5 28.42 22.61 15.52
C VAL E 5 27.67 23.67 14.66
N TYR E 6 26.67 23.23 13.90
CA TYR E 6 25.86 24.13 13.07
C TYR E 6 24.81 24.87 13.89
N ARG E 7 24.96 26.18 14.05
CA ARG E 7 23.93 26.98 14.72
C ARG E 7 23.29 28.00 13.80
N GLY E 8 23.16 27.65 12.52
CA GLY E 8 22.73 28.59 11.48
C GLY E 8 23.86 28.77 10.48
N SER E 9 25.06 28.37 10.93
CA SER E 9 26.30 28.45 10.20
C SER E 9 27.23 27.49 10.93
N TRP E 10 28.17 26.91 10.21
CA TRP E 10 29.10 26.01 10.80
C TRP E 10 30.11 26.76 11.63
N SER E 11 30.76 26.05 12.51
CA SER E 11 31.35 26.70 13.64
C SER E 11 32.22 25.68 14.34
N CYS E 12 33.47 25.66 13.91
CA CYS E 12 34.43 24.60 14.27
C CYS E 12 35.46 25.14 15.23
N ALA F 1 -18.46 4.54 -19.37
CA ALA F 1 -18.52 5.61 -18.33
C ALA F 1 -18.45 5.07 -16.88
N PRO F 2 -17.46 4.21 -16.57
CA PRO F 2 -17.32 3.88 -15.15
C PRO F 2 -16.82 5.08 -14.37
N TYR F 3 -17.45 5.34 -13.23
CA TYR F 3 -17.08 6.46 -12.36
C TYR F 3 -15.74 6.17 -11.66
N CYS F 4 -15.39 4.90 -11.45
CA CYS F 4 -14.06 4.53 -10.96
C CYS F 4 -13.51 3.28 -11.60
N VAL F 5 -12.21 3.10 -11.48
CA VAL F 5 -11.51 1.95 -12.04
C VAL F 5 -10.48 1.54 -11.00
N TYR F 6 -10.41 0.24 -10.70
CA TYR F 6 -9.45 -0.25 -9.73
C TYR F 6 -8.31 -0.88 -10.47
N ARG F 7 -7.12 -0.32 -10.28
CA ARG F 7 -5.90 -0.90 -10.87
C ARG F 7 -4.82 -1.12 -9.83
N GLY F 8 -5.22 -1.38 -8.58
CA GLY F 8 -4.30 -1.53 -7.48
C GLY F 8 -4.74 -0.60 -6.37
N SER F 9 -5.13 0.60 -6.77
CA SER F 9 -5.87 1.52 -5.94
C SER F 9 -7.05 1.98 -6.78
N TRP F 10 -8.04 2.62 -6.15
CA TRP F 10 -9.23 3.14 -6.88
C TRP F 10 -8.92 4.53 -7.48
N SER F 11 -9.15 4.69 -8.77
CA SER F 11 -9.03 5.99 -9.41
C SER F 11 -10.42 6.36 -9.90
N CYS F 12 -10.96 7.41 -9.30
CA CYS F 12 -12.31 7.88 -9.58
C CYS F 12 -12.24 9.17 -10.39
N ALA G 1 4.38 -20.43 32.03
CA ALA G 1 5.01 -21.45 31.16
C ALA G 1 4.97 -21.12 29.67
N PRO G 2 3.95 -20.39 29.19
CA PRO G 2 3.93 -20.20 27.75
C PRO G 2 4.92 -19.13 27.30
N TYR G 3 5.77 -19.48 26.33
CA TYR G 3 6.77 -18.56 25.81
C TYR G 3 6.20 -17.15 25.64
N CYS G 4 5.15 -17.01 24.82
CA CYS G 4 4.47 -15.72 24.65
C CYS G 4 2.98 -15.80 24.74
N VAL G 5 2.38 -14.64 24.97
CA VAL G 5 0.96 -14.51 25.20
C VAL G 5 0.35 -13.36 24.37
N TYR G 6 -0.73 -13.65 23.68
CA TYR G 6 -1.43 -12.68 22.85
C TYR G 6 -2.52 -11.96 23.66
N ARG G 7 -2.34 -10.66 23.91
CA ARG G 7 -3.34 -9.85 24.59
C ARG G 7 -3.79 -8.66 23.76
N GLY G 8 -4.28 -8.93 22.55
CA GLY G 8 -4.53 -7.88 21.56
C GLY G 8 -3.36 -7.80 20.59
N SER G 9 -2.21 -8.32 21.03
CA SER G 9 -0.99 -8.38 20.24
C SER G 9 -0.02 -9.31 20.97
N TRP G 10 0.87 -9.94 20.22
CA TRP G 10 1.83 -10.86 20.79
C TRP G 10 2.92 -10.16 21.58
N SER G 11 2.70 -9.97 22.87
CA SER G 11 3.78 -9.57 23.79
C SER G 11 4.63 -10.80 24.04
N CYS G 12 5.61 -11.04 23.17
CA CYS G 12 6.22 -12.37 23.11
C CYS G 12 7.15 -12.63 24.30
N ALA H 1 3.97 36.06 -28.59
CA ALA H 1 4.70 37.36 -28.39
C ALA H 1 5.46 37.40 -27.04
N PRO H 2 6.61 36.70 -26.98
CA PRO H 2 7.30 36.57 -25.68
C PRO H 2 7.72 37.92 -25.12
N TYR H 3 7.11 38.31 -24.01
CA TYR H 3 7.49 39.53 -23.33
C TYR H 3 8.88 39.43 -22.67
N CYS H 4 9.30 38.22 -22.32
CA CYS H 4 10.67 37.97 -21.83
C CYS H 4 11.20 36.67 -22.40
N VAL H 5 12.50 36.47 -22.21
CA VAL H 5 13.19 35.28 -22.66
C VAL H 5 14.25 35.00 -21.60
N TYR H 6 14.46 33.72 -21.32
CA TYR H 6 15.41 33.30 -20.31
C TYR H 6 16.48 32.46 -20.97
N ARG H 7 17.74 32.88 -20.85
CA ARG H 7 18.84 32.12 -21.44
C ARG H 7 20.00 32.01 -20.45
N GLY H 8 19.68 31.87 -19.17
CA GLY H 8 20.69 31.88 -18.11
C GLY H 8 20.28 32.93 -17.09
N SER H 9 19.67 33.99 -17.61
CA SER H 9 18.92 34.93 -16.81
C SER H 9 17.76 35.43 -17.66
N TRP H 10 16.85 36.17 -17.04
CA TRP H 10 15.77 36.76 -17.80
C TRP H 10 16.25 38.08 -18.39
N SER H 11 15.90 38.31 -19.66
CA SER H 11 16.00 39.65 -20.23
C SER H 11 14.68 39.97 -20.89
N CYS H 12 14.16 41.14 -20.53
CA CYS H 12 12.86 41.60 -20.99
C CYS H 12 13.02 42.91 -21.75
#